data_4A1S
#
_entry.id   4A1S
#
_cell.length_a   160.200
_cell.length_b   64.232
_cell.length_c   107.599
_cell.angle_alpha   90.00
_cell.angle_beta   117.90
_cell.angle_gamma   90.00
#
_symmetry.space_group_name_H-M   'C 1 2 1'
#
loop_
_entity.id
_entity.type
_entity.pdbx_description
1 polymer 'PARTNER OF INSCUTEABLE'
2 polymer RE60102P
3 water water
#
loop_
_entity_poly.entity_id
_entity_poly.type
_entity_poly.pdbx_seq_one_letter_code
_entity_poly.pdbx_strand_id
1 'polypeptide(L)'
;GPLGSMSSLSASAENVSSLGLGSGGGGTNSHDGNSQQGSGSDGGSSMCLELALEGERLCNAGDCRAGVAFFQAAIQAGTE
DLRTLSAIYSQLGNAYFYLGDYNKAMQYHKHDLTLAKSMNDRLGEAKSSGNLGNTLKVMGRFDEAAICCERHLTLARQLG
DRLSEGRALYNLGNVYHAKGKHLGQRNPGKFGDDVKEALTRAVEFYQENLKLMRDLGDRGAQGRACGNLGNTYYLLGDFQ
AAIEHHQERLRIAREFGDRAAERRANSNLGNSHIFLGQFEDAAEHYKRTLALAVELGEREVEAQSCYSLGNTYTLLHEFN
TAIEYHNRHLAIAQELGDRIGEARACWSLGNAHSAIGGHERALKYAEQHLQLA(UNK)(UNK)(UNK)(UNK)(UNK)
(UNK)(UNK)(UNK)(UNK)(UNK)(UNK)(UNK)(UNK)(UNK)(UNK)(UNK)(UNK)(UNK)(UNK)(UNK)(UNK)
(UNK)(UNK)(UNK)(UNK)(UNK)(UNK)(UNK)(UNK)(UNK)(UNK)(UNK)(UNK)(UNK)(UNK)(UNK)(UNK)
(UNK)
;
A,B
2 'polypeptide(L)' KRGKKHPEPVASWMSEQRWAGEPEVMCTLQHKSIAQEAYK C,E
#
# COMPACT_ATOMS: atom_id res chain seq x y z
N GLY A 44 -11.99 -23.96 0.27
CA GLY A 44 -12.35 -23.87 1.69
C GLY A 44 -11.98 -22.54 2.40
N SER A 45 -10.73 -22.44 2.84
CA SER A 45 -10.06 -21.17 2.90
C SER A 45 -10.10 -20.46 1.50
N SER A 46 -9.91 -21.18 0.39
CA SER A 46 -10.03 -20.58 -0.93
C SER A 46 -11.51 -20.24 -1.25
N MET A 47 -12.46 -21.00 -0.69
CA MET A 47 -13.89 -20.76 -0.97
C MET A 47 -14.24 -19.41 -0.29
N CYS A 48 -13.85 -19.28 0.96
CA CYS A 48 -14.10 -18.11 1.72
C CYS A 48 -13.49 -16.93 0.96
N LEU A 49 -12.25 -17.11 0.50
CA LEU A 49 -11.55 -16.05 -0.16
C LEU A 49 -12.35 -15.49 -1.34
N GLU A 50 -12.71 -16.36 -2.27
CA GLU A 50 -13.51 -15.94 -3.39
C GLU A 50 -14.85 -15.33 -2.98
N LEU A 51 -15.50 -15.86 -1.96
CA LEU A 51 -16.79 -15.27 -1.56
C LEU A 51 -16.54 -13.86 -1.04
N ALA A 52 -15.48 -13.67 -0.28
CA ALA A 52 -15.25 -12.40 0.37
C ALA A 52 -14.81 -11.39 -0.70
N LEU A 53 -14.01 -11.85 -1.69
CA LEU A 53 -13.65 -10.89 -2.75
C LEU A 53 -14.89 -10.46 -3.53
N GLU A 54 -15.84 -11.37 -3.75
CA GLU A 54 -17.06 -10.99 -4.45
C GLU A 54 -17.80 -9.99 -3.59
N GLY A 55 -17.87 -10.24 -2.28
CA GLY A 55 -18.60 -9.33 -1.38
C GLY A 55 -17.96 -7.95 -1.50
N GLU A 56 -16.63 -7.93 -1.50
CA GLU A 56 -15.94 -6.66 -1.49
C GLU A 56 -16.18 -5.88 -2.79
N ARG A 57 -16.09 -6.59 -3.90
CA ARG A 57 -16.43 -5.98 -5.18
C ARG A 57 -17.87 -5.42 -5.29
N LEU A 58 -18.86 -6.14 -4.74
CA LEU A 58 -20.28 -5.75 -4.73
C LEU A 58 -20.50 -4.47 -3.89
N CYS A 59 -19.89 -4.38 -2.72
CA CYS A 59 -20.13 -3.20 -1.89
C CYS A 59 -19.58 -2.05 -2.64
N ASN A 60 -18.50 -2.34 -3.31
CA ASN A 60 -17.91 -1.31 -4.09
C ASN A 60 -18.78 -0.80 -5.27
N ALA A 61 -19.51 -1.68 -5.93
CA ALA A 61 -20.37 -1.19 -6.98
C ALA A 61 -21.72 -0.71 -6.38
N GLY A 62 -21.84 -0.62 -5.06
CA GLY A 62 -23.08 -0.20 -4.43
C GLY A 62 -24.17 -1.24 -4.45
N ASP A 63 -23.80 -2.51 -4.45
CA ASP A 63 -24.75 -3.56 -4.16
C ASP A 63 -24.35 -4.15 -2.81
N CYS A 64 -24.33 -3.32 -1.76
CA CYS A 64 -23.90 -3.70 -0.41
C CYS A 64 -24.69 -4.75 0.27
N ARG A 65 -26.02 -4.74 0.11
CA ARG A 65 -26.83 -5.78 0.75
C ARG A 65 -26.41 -7.13 0.25
N ALA A 66 -26.14 -7.21 -1.05
CA ALA A 66 -25.63 -8.48 -1.62
C ALA A 66 -24.22 -8.75 -1.14
N GLY A 67 -23.48 -7.65 -0.99
CA GLY A 67 -22.15 -7.71 -0.40
C GLY A 67 -22.14 -8.41 0.94
N VAL A 68 -23.00 -7.93 1.85
CA VAL A 68 -23.14 -8.51 3.19
C VAL A 68 -23.37 -9.99 3.05
N ALA A 69 -24.28 -10.36 2.14
CA ALA A 69 -24.57 -11.78 1.96
C ALA A 69 -23.33 -12.56 1.65
N PHE A 70 -22.52 -12.03 0.73
CA PHE A 70 -21.27 -12.75 0.39
C PHE A 70 -20.29 -12.82 1.54
N PHE A 71 -20.20 -11.72 2.30
CA PHE A 71 -19.41 -11.75 3.54
C PHE A 71 -19.93 -12.78 4.53
N GLN A 72 -21.26 -12.91 4.64
CA GLN A 72 -21.81 -13.94 5.51
C GLN A 72 -21.59 -15.34 5.01
N ALA A 73 -21.68 -15.55 3.70
CA ALA A 73 -21.33 -16.88 3.14
C ALA A 73 -19.82 -17.21 3.42
N ALA A 74 -18.99 -16.18 3.25
CA ALA A 74 -17.53 -16.31 3.47
C ALA A 74 -17.19 -16.73 4.92
N ILE A 75 -17.84 -16.11 5.89
CA ILE A 75 -17.74 -16.56 7.28
C ILE A 75 -18.18 -17.98 7.46
N GLN A 76 -19.31 -18.32 6.82
CA GLN A 76 -19.85 -19.65 6.97
C GLN A 76 -18.86 -20.69 6.43
N ALA A 77 -18.29 -20.39 5.27
CA ALA A 77 -17.29 -21.26 4.64
C ALA A 77 -16.10 -21.45 5.60
N GLY A 78 -15.66 -20.36 6.25
CA GLY A 78 -14.57 -20.42 7.22
C GLY A 78 -13.23 -20.24 6.56
N THR A 79 -12.20 -19.82 7.32
CA THR A 79 -10.85 -19.70 6.82
C THR A 79 -9.83 -20.00 7.95
N GLU A 80 -8.62 -20.38 7.57
CA GLU A 80 -7.48 -20.50 8.52
C GLU A 80 -6.63 -19.23 8.60
N ASP A 81 -6.97 -18.28 7.73
CA ASP A 81 -6.29 -16.99 7.62
C ASP A 81 -7.03 -15.89 8.45
N LEU A 82 -6.52 -15.63 9.65
CA LEU A 82 -7.09 -14.63 10.55
C LEU A 82 -7.06 -13.23 9.99
N ARG A 83 -6.01 -12.88 9.22
CA ARG A 83 -5.94 -11.57 8.56
C ARG A 83 -7.20 -11.40 7.70
N THR A 84 -7.44 -12.32 6.79
CA THR A 84 -8.67 -12.34 6.00
C THR A 84 -9.93 -12.30 6.86
N LEU A 85 -9.98 -13.12 7.91
CA LEU A 85 -11.25 -13.24 8.62
C LEU A 85 -11.55 -11.87 9.23
N SER A 86 -10.47 -11.25 9.73
CA SER A 86 -10.57 -9.93 10.29
C SER A 86 -11.00 -8.89 9.24
N ALA A 87 -10.41 -8.95 8.07
CA ALA A 87 -10.83 -8.04 7.02
C ALA A 87 -12.32 -8.25 6.69
N ILE A 88 -12.81 -9.47 6.73
CA ILE A 88 -14.22 -9.69 6.40
C ILE A 88 -15.06 -9.06 7.49
N TYR A 89 -14.70 -9.24 8.76
CA TYR A 89 -15.49 -8.65 9.84
C TYR A 89 -15.54 -7.10 9.62
N SER A 90 -14.37 -6.51 9.30
CA SER A 90 -14.27 -5.07 9.11
C SER A 90 -15.15 -4.58 7.94
N GLN A 91 -15.10 -5.27 6.80
CA GLN A 91 -15.99 -4.90 5.68
C GLN A 91 -17.46 -5.07 5.99
N LEU A 92 -17.83 -6.13 6.70
CA LEU A 92 -19.18 -6.32 7.14
C LEU A 92 -19.57 -5.15 8.04
N GLY A 93 -18.69 -4.79 8.93
CA GLY A 93 -19.05 -3.75 9.86
C GLY A 93 -19.27 -2.44 9.08
N ASN A 94 -18.42 -2.12 8.09
CA ASN A 94 -18.63 -0.88 7.39
C ASN A 94 -19.87 -0.94 6.49
N ALA A 95 -20.20 -2.10 5.91
CA ALA A 95 -21.41 -2.23 5.11
C ALA A 95 -22.61 -1.99 6.00
N TYR A 96 -22.62 -2.57 7.19
CA TYR A 96 -23.79 -2.42 8.04
C TYR A 96 -23.88 -0.88 8.32
N PHE A 97 -22.76 -0.25 8.56
CA PHE A 97 -22.77 1.16 8.98
C PHE A 97 -23.39 1.96 7.88
N TYR A 98 -23.00 1.64 6.65
CA TYR A 98 -23.63 2.31 5.54
C TYR A 98 -25.11 2.04 5.33
N LEU A 99 -25.58 0.84 5.62
CA LEU A 99 -27.04 0.54 5.54
C LEU A 99 -27.83 1.14 6.69
N GLY A 100 -27.15 1.70 7.69
CA GLY A 100 -27.82 2.15 8.90
C GLY A 100 -28.09 1.15 10.02
N ASP A 101 -27.61 -0.10 9.96
CA ASP A 101 -27.77 -1.00 11.09
C ASP A 101 -26.55 -0.81 11.96
N TYR A 102 -26.61 0.17 12.85
CA TYR A 102 -25.47 0.46 13.71
C TYR A 102 -25.17 -0.59 14.75
N ASN A 103 -26.18 -1.30 15.27
CA ASN A 103 -25.87 -2.39 16.19
C ASN A 103 -25.01 -3.44 15.57
N LYS A 104 -25.35 -3.80 14.33
CA LYS A 104 -24.63 -4.86 13.65
C LYS A 104 -23.24 -4.35 13.27
N ALA A 105 -23.16 -3.07 12.95
CA ALA A 105 -21.88 -2.53 12.55
C ALA A 105 -21.00 -2.53 13.78
N MET A 106 -21.55 -2.07 14.88
CA MET A 106 -20.87 -2.18 16.13
C MET A 106 -20.36 -3.62 16.38
N GLN A 107 -21.24 -4.62 16.24
CA GLN A 107 -20.91 -6.01 16.58
C GLN A 107 -19.71 -6.53 15.81
N TYR A 108 -19.74 -6.27 14.51
CA TYR A 108 -18.69 -6.75 13.62
C TYR A 108 -17.39 -5.93 13.77
N HIS A 109 -17.52 -4.61 14.00
CA HIS A 109 -16.29 -3.86 14.27
C HIS A 109 -15.61 -4.39 15.54
N LYS A 110 -16.40 -4.70 16.54
CA LYS A 110 -15.81 -5.30 17.75
C LYS A 110 -15.13 -6.68 17.53
N HIS A 111 -15.79 -7.52 16.74
CA HIS A 111 -15.18 -8.83 16.43
C HIS A 111 -13.84 -8.64 15.77
N ASP A 112 -13.81 -7.68 14.86
CA ASP A 112 -12.57 -7.36 14.12
C ASP A 112 -11.56 -6.88 15.14
N LEU A 113 -11.99 -5.92 15.97
CA LEU A 113 -11.07 -5.34 16.93
C LEU A 113 -10.47 -6.43 17.80
N THR A 114 -11.32 -7.26 18.34
CA THR A 114 -10.86 -8.34 19.23
C THR A 114 -9.91 -9.31 18.55
N LEU A 115 -10.30 -9.74 17.36
CA LEU A 115 -9.41 -10.55 16.54
C LEU A 115 -8.06 -9.85 16.28
N ALA A 116 -8.10 -8.56 15.87
CA ALA A 116 -6.86 -7.82 15.60
C ALA A 116 -5.91 -7.78 16.81
N LYS A 117 -6.46 -7.45 17.97
CA LYS A 117 -5.65 -7.53 19.17
C LYS A 117 -5.03 -8.91 19.33
N SER A 118 -5.81 -9.93 19.07
CA SER A 118 -5.33 -11.31 19.20
C SER A 118 -4.22 -11.71 18.21
N MET A 119 -4.07 -10.95 17.13
CA MET A 119 -3.04 -11.17 16.13
C MET A 119 -1.84 -10.26 16.36
N ASN A 120 -1.89 -9.48 17.43
CA ASN A 120 -1.06 -8.24 17.53
C ASN A 120 -0.82 -7.41 16.28
N ASP A 121 -1.87 -7.14 15.52
CA ASP A 121 -1.78 -6.30 14.32
C ASP A 121 -2.03 -4.91 14.86
N ARG A 122 -0.98 -4.14 15.12
CA ARG A 122 -1.20 -2.79 15.65
C ARG A 122 -1.93 -1.85 14.74
N LEU A 123 -1.51 -1.75 13.47
CA LEU A 123 -2.22 -0.90 12.52
C LEU A 123 -3.63 -1.48 12.44
N GLY A 124 -3.73 -2.81 12.42
CA GLY A 124 -5.02 -3.46 12.24
C GLY A 124 -5.96 -3.06 13.37
N GLU A 125 -5.42 -3.06 14.57
CA GLU A 125 -6.19 -2.65 15.71
C GLU A 125 -6.55 -1.13 15.75
N ALA A 126 -5.64 -0.29 15.25
CA ALA A 126 -5.89 1.13 15.14
C ALA A 126 -7.08 1.36 14.23
N LYS A 127 -7.07 0.70 13.07
CA LYS A 127 -8.17 0.88 12.15
C LYS A 127 -9.49 0.42 12.80
N SER A 128 -9.45 -0.73 13.49
CA SER A 128 -10.70 -1.27 14.05
C SER A 128 -11.23 -0.33 15.13
N SER A 129 -10.29 0.18 15.94
CA SER A 129 -10.66 1.11 17.00
C SER A 129 -11.34 2.39 16.41
N GLY A 130 -10.80 2.95 15.33
CA GLY A 130 -11.39 4.14 14.71
C GLY A 130 -12.78 3.81 14.18
N ASN A 131 -12.92 2.65 13.55
CA ASN A 131 -14.20 2.26 12.95
C ASN A 131 -15.29 2.09 14.03
N LEU A 132 -14.90 1.35 15.06
CA LEU A 132 -15.82 1.17 16.18
C LEU A 132 -16.19 2.57 16.79
N GLY A 133 -15.19 3.42 17.00
CA GLY A 133 -15.44 4.74 17.59
C GLY A 133 -16.40 5.57 16.75
N ASN A 134 -16.21 5.56 15.45
CA ASN A 134 -17.16 6.17 14.53
C ASN A 134 -18.59 5.68 14.71
N THR A 135 -18.75 4.37 14.81
CA THR A 135 -20.04 3.74 14.99
C THR A 135 -20.66 4.16 16.28
N LEU A 136 -19.90 4.05 17.38
CA LEU A 136 -20.42 4.48 18.67
C LEU A 136 -20.81 5.97 18.66
N LYS A 137 -20.03 6.79 17.97
CA LYS A 137 -20.38 8.21 17.82
C LYS A 137 -21.80 8.35 17.23
N VAL A 138 -22.07 7.67 16.14
CA VAL A 138 -23.32 7.83 15.47
C VAL A 138 -24.44 7.30 16.35
N MET A 139 -24.13 6.41 17.28
CA MET A 139 -25.18 5.89 18.18
C MET A 139 -25.37 6.82 19.37
N GLY A 140 -24.62 7.92 19.37
CA GLY A 140 -24.72 8.89 20.47
C GLY A 140 -23.98 8.43 21.72
N ARG A 141 -23.11 7.44 21.58
CA ARG A 141 -22.34 6.90 22.71
C ARG A 141 -20.98 7.49 22.72
N PHE A 142 -20.93 8.73 23.16
CA PHE A 142 -19.78 9.60 22.95
C PHE A 142 -18.57 9.29 23.82
N ASP A 143 -18.80 9.06 25.10
CA ASP A 143 -17.77 8.61 26.00
C ASP A 143 -17.05 7.40 25.48
N GLU A 144 -17.82 6.39 25.08
CA GLU A 144 -17.20 5.18 24.54
C GLU A 144 -16.48 5.46 23.22
N ALA A 145 -17.08 6.32 22.39
CA ALA A 145 -16.51 6.66 21.08
C ALA A 145 -15.15 7.26 21.27
N ALA A 146 -15.04 8.16 22.24
CA ALA A 146 -13.83 8.95 22.41
C ALA A 146 -12.68 8.00 22.86
N ILE A 147 -13.04 7.08 23.72
CA ILE A 147 -12.09 6.05 24.17
C ILE A 147 -11.54 5.28 22.98
N CYS A 148 -12.42 4.73 22.14
CA CYS A 148 -11.94 3.98 20.96
C CYS A 148 -11.04 4.89 20.06
N CYS A 149 -11.48 6.12 19.85
CA CYS A 149 -10.72 7.04 19.01
C CYS A 149 -9.35 7.44 19.59
N GLU A 150 -9.29 7.59 20.92
CA GLU A 150 -8.01 7.86 21.61
C GLU A 150 -7.04 6.69 21.41
N ARG A 151 -7.60 5.48 21.47
CA ARG A 151 -6.81 4.28 21.23
C ARG A 151 -6.16 4.29 19.85
N HIS A 152 -6.94 4.62 18.83
CA HIS A 152 -6.41 4.75 17.48
C HIS A 152 -5.23 5.79 17.51
N LEU A 153 -5.47 6.88 18.22
CA LEU A 153 -4.56 8.01 18.22
C LEU A 153 -3.27 7.54 18.91
N THR A 154 -3.43 6.85 20.04
CA THR A 154 -2.32 6.25 20.76
C THR A 154 -1.50 5.26 19.89
N LEU A 155 -2.18 4.34 19.24
CA LEU A 155 -1.47 3.40 18.38
C LEU A 155 -0.77 4.11 17.22
N ALA A 156 -1.47 5.01 16.50
CA ALA A 156 -0.82 5.75 15.41
C ALA A 156 0.48 6.37 15.84
N ARG A 157 0.46 6.97 17.02
CA ARG A 157 1.64 7.66 17.47
C ARG A 157 2.71 6.67 17.84
N GLN A 158 2.31 5.50 18.39
CA GLN A 158 3.32 4.52 18.76
C GLN A 158 4.01 4.15 17.48
N LEU A 159 3.23 3.88 16.43
CA LEU A 159 3.81 3.42 15.18
C LEU A 159 4.53 4.53 14.40
N GLY A 160 4.43 5.80 14.81
CA GLY A 160 4.98 6.87 14.01
C GLY A 160 4.26 7.01 12.67
N ASP A 161 3.00 6.57 12.61
CA ASP A 161 2.25 6.74 11.38
C ASP A 161 1.48 8.10 11.36
N ARG A 162 2.13 9.15 10.83
CA ARG A 162 1.57 10.49 10.84
C ARG A 162 0.21 10.65 10.18
N LEU A 163 0.04 10.07 9.00
CA LEU A 163 -1.29 10.09 8.36
C LEU A 163 -2.35 9.47 9.25
N SER A 164 -2.03 8.31 9.81
CA SER A 164 -2.99 7.66 10.66
C SER A 164 -3.22 8.55 11.89
N GLU A 165 -2.16 9.18 12.39
CA GLU A 165 -2.32 10.08 13.52
C GLU A 165 -3.35 11.24 13.18
N GLY A 166 -3.11 11.90 12.05
CA GLY A 166 -4.00 12.93 11.49
C GLY A 166 -5.44 12.44 11.49
N ARG A 167 -5.70 11.25 10.90
CA ARG A 167 -7.06 10.71 10.82
C ARG A 167 -7.63 10.59 12.21
N ALA A 168 -6.82 10.07 13.13
CA ALA A 168 -7.28 9.90 14.48
C ALA A 168 -7.68 11.26 15.12
N LEU A 169 -6.89 12.28 14.86
CA LEU A 169 -7.15 13.63 15.40
C LEU A 169 -8.45 14.22 14.79
N TYR A 170 -8.57 14.12 13.47
CA TYR A 170 -9.81 14.48 12.79
C TYR A 170 -11.05 13.75 13.38
N ASN A 171 -10.97 12.42 13.55
CA ASN A 171 -12.09 11.67 14.07
C ASN A 171 -12.46 12.12 15.50
N LEU A 172 -11.45 12.33 16.34
CA LEU A 172 -11.73 12.76 17.74
C LEU A 172 -12.43 14.15 17.72
N GLY A 173 -11.98 15.03 16.84
CA GLY A 173 -12.71 16.27 16.62
C GLY A 173 -14.16 16.02 16.25
N ASN A 174 -14.40 15.04 15.37
CA ASN A 174 -15.78 14.75 14.93
C ASN A 174 -16.63 14.22 16.11
N VAL A 175 -16.02 13.44 16.97
CA VAL A 175 -16.72 12.92 18.17
C VAL A 175 -17.19 14.06 19.06
N TYR A 176 -16.25 14.94 19.40
CA TYR A 176 -16.57 16.00 20.32
C TYR A 176 -17.47 17.06 19.68
N HIS A 177 -17.30 17.26 18.37
CA HIS A 177 -18.17 18.14 17.61
C HIS A 177 -19.60 17.56 17.71
N ALA A 178 -19.72 16.26 17.43
CA ALA A 178 -21.05 15.61 17.41
C ALA A 178 -21.66 15.67 18.83
N LYS A 179 -20.81 15.49 19.83
CA LYS A 179 -21.29 15.54 21.20
C LYS A 179 -21.78 16.95 21.57
N GLY A 180 -20.99 17.97 21.23
CA GLY A 180 -21.41 19.33 21.50
C GLY A 180 -22.74 19.66 20.82
N LYS A 181 -22.86 19.21 19.57
CA LYS A 181 -24.03 19.57 18.78
C LYS A 181 -25.27 18.94 19.44
N HIS A 182 -25.15 17.66 19.80
CA HIS A 182 -26.22 16.85 20.37
C HIS A 182 -26.67 17.48 21.68
N LEU A 183 -25.70 17.81 22.55
CA LEU A 183 -26.05 18.38 23.84
C LEU A 183 -26.81 19.66 23.69
N GLY A 184 -26.43 20.48 22.69
CA GLY A 184 -27.11 21.76 22.47
C GLY A 184 -28.56 21.58 22.00
N GLN A 185 -28.76 20.60 21.12
CA GLN A 185 -30.07 20.33 20.53
C GLN A 185 -31.05 19.83 21.57
N ARG A 186 -30.54 18.98 22.45
CA ARG A 186 -31.35 18.22 23.36
C ARG A 186 -31.91 19.11 24.46
N ASN A 187 -31.26 20.26 24.67
CA ASN A 187 -31.78 21.29 25.55
C ASN A 187 -31.56 22.68 25.00
N PRO A 188 -32.39 23.07 24.01
CA PRO A 188 -32.16 24.26 23.20
C PRO A 188 -32.22 25.52 24.01
N GLY A 189 -32.87 25.44 25.17
CA GLY A 189 -33.15 26.64 25.94
C GLY A 189 -31.96 27.02 26.79
N LYS A 190 -30.91 26.21 26.75
CA LYS A 190 -29.76 26.54 27.54
C LYS A 190 -28.47 26.27 26.79
N PHE A 191 -27.42 27.00 27.15
CA PHE A 191 -26.16 26.90 26.45
C PHE A 191 -25.10 26.54 27.48
N GLY A 192 -25.19 25.35 28.03
CA GLY A 192 -24.41 25.01 29.24
C GLY A 192 -22.90 24.78 29.07
N ASP A 193 -22.20 24.66 30.19
CA ASP A 193 -20.78 24.35 30.19
C ASP A 193 -20.49 23.04 29.47
N ASP A 194 -21.40 22.07 29.57
CA ASP A 194 -21.17 20.74 28.98
C ASP A 194 -21.01 20.93 27.47
N VAL A 195 -21.87 21.78 26.92
CA VAL A 195 -21.82 22.06 25.49
C VAL A 195 -20.51 22.71 25.09
N LYS A 196 -20.16 23.76 25.83
CA LYS A 196 -18.98 24.56 25.52
C LYS A 196 -17.69 23.71 25.66
N GLU A 197 -17.68 22.88 26.70
CA GLU A 197 -16.60 21.97 26.96
C GLU A 197 -16.39 20.99 25.75
N ALA A 198 -17.47 20.39 25.26
CA ALA A 198 -17.37 19.42 24.17
C ALA A 198 -16.85 20.12 22.91
N LEU A 199 -17.50 21.19 22.54
CA LEU A 199 -17.07 21.96 21.37
C LEU A 199 -15.62 22.47 21.52
N THR A 200 -15.23 22.85 22.75
CA THR A 200 -13.88 23.33 22.94
C THR A 200 -12.84 22.21 22.68
N ARG A 201 -13.12 21.00 23.16
CA ARG A 201 -12.24 19.87 22.87
C ARG A 201 -12.20 19.64 21.37
N ALA A 202 -13.33 19.79 20.71
CA ALA A 202 -13.39 19.54 19.26
C ALA A 202 -12.43 20.50 18.56
N VAL A 203 -12.48 21.75 18.97
CA VAL A 203 -11.62 22.79 18.42
C VAL A 203 -10.13 22.40 18.61
N GLU A 204 -9.77 21.96 19.82
CA GLU A 204 -8.41 21.50 20.06
C GLU A 204 -8.01 20.39 19.07
N PHE A 205 -8.87 19.37 18.94
CA PHE A 205 -8.51 18.24 18.05
C PHE A 205 -8.37 18.71 16.62
N TYR A 206 -9.33 19.53 16.15
CA TYR A 206 -9.30 19.97 14.78
C TYR A 206 -8.03 20.84 14.56
N GLN A 207 -7.68 21.68 15.51
CA GLN A 207 -6.51 22.52 15.35
C GLN A 207 -5.26 21.64 15.26
N GLU A 208 -5.20 20.65 16.12
CA GLU A 208 -4.05 19.73 16.08
C GLU A 208 -3.98 19.03 14.70
N ASN A 209 -5.13 18.59 14.22
CA ASN A 209 -5.18 17.97 12.91
C ASN A 209 -4.75 18.93 11.79
N LEU A 210 -5.31 20.15 11.82
CA LEU A 210 -4.97 21.16 10.81
C LEU A 210 -3.44 21.42 10.77
N LYS A 211 -2.84 21.53 11.94
CA LYS A 211 -1.41 21.81 11.97
C LYS A 211 -0.63 20.62 11.37
N LEU A 212 -1.08 19.41 11.66
CA LEU A 212 -0.38 18.28 11.13
C LEU A 212 -0.54 18.23 9.60
N MET A 213 -1.74 18.54 9.12
CA MET A 213 -2.02 18.52 7.69
C MET A 213 -1.24 19.60 6.91
N ARG A 214 -1.06 20.79 7.50
CA ARG A 214 -0.08 21.76 7.06
C ARG A 214 1.34 21.18 6.97
N ASP A 215 1.81 20.54 8.06
CA ASP A 215 3.17 20.00 8.11
C ASP A 215 3.34 18.97 7.01
N LEU A 216 2.33 18.15 6.78
CA LEU A 216 2.40 17.13 5.74
C LEU A 216 2.14 17.71 4.35
N GLY A 217 1.67 18.96 4.27
CA GLY A 217 1.28 19.49 2.99
C GLY A 217 0.08 18.81 2.35
N ASP A 218 -0.81 18.20 3.13
CA ASP A 218 -2.07 17.69 2.60
C ASP A 218 -3.15 18.79 2.49
N ARG A 219 -3.17 19.47 1.34
CA ARG A 219 -4.11 20.56 1.10
C ARG A 219 -5.58 20.18 1.26
N GLY A 220 -6.00 19.07 0.66
CA GLY A 220 -7.41 18.68 0.71
C GLY A 220 -7.82 18.42 2.14
N ALA A 221 -6.90 17.80 2.90
CA ALA A 221 -7.13 17.48 4.30
C ALA A 221 -7.21 18.79 5.15
N GLN A 222 -6.40 19.79 4.77
CA GLN A 222 -6.46 21.12 5.40
C GLN A 222 -7.85 21.74 5.21
N GLY A 223 -8.40 21.58 4.00
CA GLY A 223 -9.74 22.14 3.72
C GLY A 223 -10.77 21.52 4.63
N ARG A 224 -10.69 20.20 4.85
CA ARG A 224 -11.71 19.54 5.61
C ARG A 224 -11.64 20.01 7.07
N ALA A 225 -10.40 20.14 7.57
CA ALA A 225 -10.20 20.54 8.93
C ALA A 225 -10.74 21.98 9.09
N CYS A 226 -10.55 22.83 8.07
CA CYS A 226 -10.99 24.22 8.18
C CYS A 226 -12.51 24.30 8.22
N GLY A 227 -13.16 23.46 7.43
CA GLY A 227 -14.61 23.41 7.39
C GLY A 227 -15.15 23.02 8.73
N ASN A 228 -14.63 21.94 9.29
CA ASN A 228 -15.13 21.51 10.58
C ASN A 228 -14.78 22.44 11.74
N LEU A 229 -13.59 23.05 11.67
CA LEU A 229 -13.24 24.02 12.67
C LEU A 229 -14.20 25.26 12.55
N GLY A 230 -14.45 25.73 11.33
CA GLY A 230 -15.43 26.82 11.12
C GLY A 230 -16.79 26.48 11.75
N ASN A 231 -17.26 25.25 11.51
CA ASN A 231 -18.54 24.81 12.07
C ASN A 231 -18.54 24.83 13.58
N THR A 232 -17.42 24.43 14.15
CA THR A 232 -17.36 24.21 15.60
C THR A 232 -17.22 25.57 16.27
N TYR A 233 -16.40 26.44 15.68
CA TYR A 233 -16.35 27.84 16.17
C TYR A 233 -17.72 28.60 16.05
N TYR A 234 -18.46 28.33 14.99
CA TYR A 234 -19.79 28.92 14.76
C TYR A 234 -20.75 28.48 15.87
N LEU A 235 -20.72 27.19 16.22
CA LEU A 235 -21.54 26.68 17.32
C LEU A 235 -21.15 27.34 18.63
N LEU A 236 -19.86 27.58 18.79
CA LEU A 236 -19.39 28.15 20.02
C LEU A 236 -19.72 29.65 20.06
N GLY A 237 -20.22 30.19 18.96
CA GLY A 237 -20.50 31.61 18.86
C GLY A 237 -19.26 32.47 18.60
N ASP A 238 -18.15 31.84 18.24
CA ASP A 238 -16.99 32.62 17.82
C ASP A 238 -17.07 32.87 16.30
N PHE A 239 -17.94 33.82 15.91
CA PHE A 239 -18.39 33.89 14.51
C PHE A 239 -17.25 34.42 13.59
N GLN A 240 -16.41 35.26 14.19
CA GLN A 240 -15.23 35.78 13.53
C GLN A 240 -14.19 34.69 13.22
N ALA A 241 -13.92 33.84 14.20
CA ALA A 241 -13.12 32.63 13.94
C ALA A 241 -13.76 31.70 12.91
N ALA A 242 -15.07 31.52 12.94
CA ALA A 242 -15.73 30.64 11.99
C ALA A 242 -15.50 31.17 10.57
N ILE A 243 -15.69 32.48 10.43
CA ILE A 243 -15.52 33.18 9.17
C ILE A 243 -14.14 32.92 8.55
N GLU A 244 -13.09 33.11 9.35
CA GLU A 244 -11.72 32.91 8.87
C GLU A 244 -11.49 31.46 8.38
N HIS A 245 -12.07 30.52 9.10
CA HIS A 245 -11.84 29.14 8.75
C HIS A 245 -12.68 28.78 7.52
N HIS A 246 -13.93 29.26 7.47
CA HIS A 246 -14.74 28.96 6.31
C HIS A 246 -14.11 29.59 5.07
N GLN A 247 -13.48 30.76 5.25
CA GLN A 247 -12.86 31.44 4.09
C GLN A 247 -11.70 30.63 3.51
N GLU A 248 -10.86 30.13 4.39
CA GLU A 248 -9.78 29.25 4.00
C GLU A 248 -10.40 27.96 3.38
N ARG A 249 -11.48 27.43 3.98
CA ARG A 249 -12.12 26.28 3.40
C ARG A 249 -12.50 26.56 1.95
N LEU A 250 -13.02 27.74 1.72
CA LEU A 250 -13.51 28.10 0.38
C LEU A 250 -12.32 28.18 -0.58
N ARG A 251 -11.24 28.81 -0.12
CA ARG A 251 -10.07 28.94 -0.94
C ARG A 251 -9.61 27.55 -1.36
N ILE A 252 -9.57 26.62 -0.41
CA ILE A 252 -9.07 25.28 -0.73
C ILE A 252 -9.99 24.58 -1.74
N ALA A 253 -11.30 24.68 -1.49
CA ALA A 253 -12.31 24.07 -2.34
C ALA A 253 -12.12 24.56 -3.77
N ARG A 254 -11.86 25.85 -3.92
CA ARG A 254 -11.66 26.39 -5.26
C ARG A 254 -10.39 25.85 -5.87
N GLU A 255 -9.33 25.68 -5.08
CA GLU A 255 -8.09 25.20 -5.66
C GLU A 255 -8.32 23.79 -6.23
N PHE A 256 -9.25 23.05 -5.65
CA PHE A 256 -9.49 21.69 -6.09
C PHE A 256 -10.63 21.59 -7.09
N GLY A 257 -11.33 22.70 -7.35
CA GLY A 257 -12.44 22.60 -8.28
C GLY A 257 -13.57 21.79 -7.63
N ASP A 258 -13.64 21.84 -6.31
CA ASP A 258 -14.63 21.05 -5.60
C ASP A 258 -15.88 21.94 -5.34
N ARG A 259 -16.79 21.94 -6.32
CA ARG A 259 -17.94 22.82 -6.30
C ARG A 259 -18.79 22.56 -5.03
N ALA A 260 -18.98 21.29 -4.71
CA ALA A 260 -19.76 21.01 -3.48
C ALA A 260 -19.15 21.56 -2.19
N ALA A 261 -17.83 21.40 -2.05
CA ALA A 261 -17.23 22.05 -0.90
C ALA A 261 -17.38 23.62 -1.01
N GLU A 262 -17.34 24.18 -2.24
CA GLU A 262 -17.51 25.65 -2.44
C GLU A 262 -18.91 26.07 -1.93
N ARG A 263 -19.88 25.25 -2.28
CA ARG A 263 -21.25 25.46 -1.88
C ARG A 263 -21.42 25.46 -0.36
N ARG A 264 -20.88 24.43 0.27
CA ARG A 264 -20.96 24.39 1.72
C ARG A 264 -20.32 25.63 2.34
N ALA A 265 -19.10 25.92 1.91
CA ALA A 265 -18.33 27.00 2.48
C ALA A 265 -19.15 28.34 2.31
N ASN A 266 -19.72 28.54 1.12
CA ASN A 266 -20.47 29.80 0.90
C ASN A 266 -21.71 29.82 1.78
N SER A 267 -22.32 28.64 1.93
CA SER A 267 -23.42 28.56 2.87
C SER A 267 -23.03 28.93 4.31
N ASN A 268 -21.92 28.38 4.81
CA ASN A 268 -21.49 28.62 6.18
C ASN A 268 -21.08 30.05 6.37
N LEU A 269 -20.44 30.60 5.35
CA LEU A 269 -20.10 32.00 5.35
C LEU A 269 -21.34 32.94 5.45
N GLY A 270 -22.36 32.66 4.67
CA GLY A 270 -23.59 33.48 4.69
C GLY A 270 -24.13 33.46 6.10
N ASN A 271 -24.22 32.27 6.70
CA ASN A 271 -24.62 32.16 8.10
C ASN A 271 -23.74 32.97 9.04
N SER A 272 -22.41 32.84 8.87
CA SER A 272 -21.55 33.50 9.83
C SER A 272 -21.76 35.04 9.69
N HIS A 273 -21.95 35.51 8.47
CA HIS A 273 -22.03 36.97 8.30
C HIS A 273 -23.32 37.46 8.92
N ILE A 274 -24.39 36.63 8.83
CA ILE A 274 -25.59 37.04 9.56
C ILE A 274 -25.30 37.21 11.02
N PHE A 275 -24.51 36.29 11.63
CA PHE A 275 -24.25 36.36 13.05
C PHE A 275 -23.20 37.37 13.39
N LEU A 276 -22.73 38.16 12.42
CA LEU A 276 -21.87 39.25 12.75
C LEU A 276 -22.55 40.54 12.36
N GLY A 277 -23.83 40.51 11.97
CA GLY A 277 -24.44 41.80 11.70
C GLY A 277 -23.98 42.25 10.34
N GLN A 278 -23.46 41.36 9.48
CA GLN A 278 -22.98 41.88 8.17
C GLN A 278 -23.89 41.46 7.00
N PHE A 279 -25.01 42.12 6.81
CA PHE A 279 -26.10 41.53 6.04
C PHE A 279 -25.86 41.55 4.53
N GLU A 280 -25.18 42.58 4.04
CA GLU A 280 -24.81 42.61 2.61
C GLU A 280 -23.84 41.43 2.30
N ASP A 281 -22.83 41.24 3.14
CA ASP A 281 -21.92 40.08 2.96
C ASP A 281 -22.70 38.75 2.98
N ALA A 282 -23.69 38.66 3.85
CA ALA A 282 -24.42 37.42 3.95
C ALA A 282 -25.19 37.22 2.65
N ALA A 283 -25.80 38.29 2.12
CA ALA A 283 -26.57 38.18 0.88
C ALA A 283 -25.66 37.69 -0.25
N GLU A 284 -24.47 38.26 -0.34
CA GLU A 284 -23.53 37.92 -1.39
C GLU A 284 -23.22 36.42 -1.32
N HIS A 285 -22.93 35.90 -0.13
CA HIS A 285 -22.59 34.48 0.01
C HIS A 285 -23.79 33.53 -0.22
N TYR A 286 -24.96 33.92 0.24
CA TYR A 286 -26.14 33.12 -0.06
C TYR A 286 -26.38 33.08 -1.54
N LYS A 287 -26.20 34.20 -2.25
CA LYS A 287 -26.40 34.21 -3.71
C LYS A 287 -25.44 33.23 -4.37
N ARG A 288 -24.19 33.27 -3.91
CA ARG A 288 -23.15 32.40 -4.46
C ARG A 288 -23.52 30.95 -4.15
N THR A 289 -24.00 30.71 -2.95
CA THR A 289 -24.52 29.41 -2.61
C THR A 289 -25.64 29.02 -3.54
N LEU A 290 -26.53 29.96 -3.80
CA LEU A 290 -27.64 29.69 -4.71
C LEU A 290 -27.12 29.31 -6.07
N ALA A 291 -26.19 30.10 -6.62
CA ALA A 291 -25.70 29.87 -7.99
C ALA A 291 -25.05 28.49 -8.05
N LEU A 292 -24.30 28.14 -7.02
CA LEU A 292 -23.63 26.83 -7.06
C LEU A 292 -24.67 25.70 -6.92
N ALA A 293 -25.72 25.95 -6.14
CA ALA A 293 -26.77 24.93 -5.96
C ALA A 293 -27.55 24.69 -7.28
N VAL A 294 -27.64 25.72 -8.10
CA VAL A 294 -28.30 25.56 -9.37
C VAL A 294 -27.35 24.75 -10.24
N GLU A 295 -26.07 25.08 -10.22
CA GLU A 295 -25.14 24.45 -11.14
C GLU A 295 -25.05 22.99 -10.76
N LEU A 296 -25.13 22.69 -9.47
CA LEU A 296 -25.03 21.31 -9.01
C LEU A 296 -26.37 20.57 -9.05
N GLY A 297 -27.43 21.22 -9.49
CA GLY A 297 -28.76 20.63 -9.35
C GLY A 297 -29.17 20.17 -7.94
N GLU A 298 -28.80 20.90 -6.88
CA GLU A 298 -29.30 20.61 -5.54
C GLU A 298 -30.55 21.47 -5.26
N ARG A 299 -31.72 20.95 -5.65
CA ARG A 299 -32.98 21.69 -5.60
C ARG A 299 -33.39 22.04 -4.19
N GLU A 300 -33.19 21.11 -3.25
CA GLU A 300 -33.41 21.42 -1.84
C GLU A 300 -32.55 22.54 -1.30
N VAL A 301 -31.26 22.52 -1.66
CA VAL A 301 -30.34 23.56 -1.20
C VAL A 301 -30.70 24.88 -1.91
N GLU A 302 -31.03 24.79 -3.20
CA GLU A 302 -31.49 25.97 -3.94
C GLU A 302 -32.64 26.63 -3.15
N ALA A 303 -33.56 25.81 -2.68
CA ALA A 303 -34.71 26.40 -1.98
C ALA A 303 -34.28 27.04 -0.67
N GLN A 304 -33.46 26.35 0.12
CA GLN A 304 -33.04 26.94 1.36
C GLN A 304 -32.25 28.25 1.22
N SER A 305 -31.38 28.30 0.21
CA SER A 305 -30.63 29.55 -0.11
C SER A 305 -31.65 30.67 -0.44
N CYS A 306 -32.68 30.34 -1.21
CA CYS A 306 -33.73 31.34 -1.53
C CYS A 306 -34.43 31.86 -0.28
N TYR A 307 -34.81 30.93 0.58
CA TYR A 307 -35.46 31.31 1.80
C TYR A 307 -34.52 32.17 2.67
N SER A 308 -33.26 31.73 2.74
CA SER A 308 -32.29 32.59 3.40
C SER A 308 -32.18 33.96 2.80
N LEU A 309 -32.17 34.04 1.47
CA LEU A 309 -32.10 35.34 0.80
C LEU A 309 -33.35 36.16 1.11
N GLY A 310 -34.50 35.53 1.21
CA GLY A 310 -35.75 36.30 1.41
C GLY A 310 -35.63 37.01 2.75
N ASN A 311 -35.19 36.25 3.77
CA ASN A 311 -35.02 36.81 5.12
C ASN A 311 -33.97 37.91 5.19
N THR A 312 -32.82 37.66 4.57
CA THR A 312 -31.73 38.61 4.57
C THR A 312 -32.15 39.93 3.91
N TYR A 313 -32.79 39.86 2.75
CA TYR A 313 -33.31 41.07 2.11
C TYR A 313 -34.42 41.80 2.89
N THR A 314 -35.20 41.05 3.67
CA THR A 314 -36.17 41.67 4.58
C THR A 314 -35.44 42.52 5.59
N LEU A 315 -34.35 41.96 6.15
CA LEU A 315 -33.56 42.71 7.15
C LEU A 315 -32.95 43.94 6.51
N LEU A 316 -32.52 43.78 5.25
CA LEU A 316 -32.07 44.92 4.46
C LEU A 316 -33.14 45.89 4.00
N HIS A 317 -34.40 45.62 4.32
CA HIS A 317 -35.53 46.50 3.92
C HIS A 317 -35.69 46.53 2.43
N GLU A 318 -35.33 45.43 1.74
CA GLU A 318 -35.53 45.36 0.30
C GLU A 318 -36.67 44.40 0.07
N PHE A 319 -37.88 44.90 0.25
CA PHE A 319 -39.02 44.01 0.29
C PHE A 319 -39.35 43.38 -1.04
N ASN A 320 -39.26 44.14 -2.13
CA ASN A 320 -39.54 43.60 -3.43
C ASN A 320 -38.53 42.48 -3.69
N THR A 321 -37.27 42.70 -3.34
CA THR A 321 -36.21 41.79 -3.66
C THR A 321 -36.47 40.51 -2.82
N ALA A 322 -36.88 40.73 -1.59
CA ALA A 322 -37.12 39.62 -0.69
C ALA A 322 -38.27 38.82 -1.24
N ILE A 323 -39.29 39.50 -1.78
CA ILE A 323 -40.47 38.79 -2.25
C ILE A 323 -40.12 37.86 -3.41
N GLU A 324 -39.26 38.29 -4.31
CA GLU A 324 -38.81 37.47 -5.40
C GLU A 324 -38.14 36.17 -4.84
N TYR A 325 -37.18 36.31 -3.92
CA TYR A 325 -36.51 35.14 -3.37
C TYR A 325 -37.51 34.23 -2.65
N HIS A 326 -38.44 34.83 -1.88
CA HIS A 326 -39.44 33.98 -1.25
C HIS A 326 -40.37 33.29 -2.25
N ASN A 327 -40.71 33.96 -3.36
CA ASN A 327 -41.51 33.29 -4.38
C ASN A 327 -40.72 32.04 -4.90
N ARG A 328 -39.41 32.19 -5.13
CA ARG A 328 -38.61 31.09 -5.65
C ARG A 328 -38.66 29.91 -4.69
N HIS A 329 -38.38 30.20 -3.43
CA HIS A 329 -38.42 29.14 -2.40
C HIS A 329 -39.80 28.45 -2.44
N LEU A 330 -40.84 29.24 -2.49
CA LEU A 330 -42.18 28.70 -2.47
C LEU A 330 -42.41 27.72 -3.60
N ALA A 331 -42.05 28.12 -4.83
CA ALA A 331 -42.24 27.27 -6.03
C ALA A 331 -41.45 25.97 -5.88
N ILE A 332 -40.20 26.04 -5.45
CA ILE A 332 -39.47 24.79 -5.21
C ILE A 332 -40.15 23.95 -4.12
N ALA A 333 -40.52 24.54 -3.01
CA ALA A 333 -41.17 23.77 -1.95
C ALA A 333 -42.41 23.06 -2.50
N GLN A 334 -43.14 23.74 -3.38
CA GLN A 334 -44.33 23.17 -3.94
C GLN A 334 -43.91 21.99 -4.83
N GLU A 335 -42.96 22.25 -5.71
CA GLU A 335 -42.49 21.19 -6.61
C GLU A 335 -42.02 19.98 -5.80
N LEU A 336 -41.41 20.18 -4.63
CA LEU A 336 -40.86 19.05 -3.91
C LEU A 336 -41.84 18.37 -2.97
N GLY A 337 -43.05 18.88 -2.90
CA GLY A 337 -43.99 18.37 -1.91
C GLY A 337 -43.53 18.56 -0.48
N ASP A 338 -42.64 19.52 -0.24
CA ASP A 338 -42.23 19.89 1.11
C ASP A 338 -43.22 20.89 1.74
N ARG A 339 -44.26 20.37 2.42
CA ARG A 339 -45.33 21.24 2.91
C ARG A 339 -44.91 22.14 4.06
N ILE A 340 -43.93 21.68 4.83
CA ILE A 340 -43.40 22.48 5.93
C ILE A 340 -42.79 23.77 5.41
N GLY A 341 -42.01 23.66 4.35
CA GLY A 341 -41.40 24.84 3.72
C GLY A 341 -42.48 25.74 3.09
N GLU A 342 -43.49 25.10 2.53
CA GLU A 342 -44.57 25.85 1.93
C GLU A 342 -45.25 26.72 2.98
N ALA A 343 -45.41 26.19 4.17
CA ALA A 343 -45.98 27.01 5.25
C ALA A 343 -45.06 28.18 5.61
N ARG A 344 -43.78 27.91 5.85
CA ARG A 344 -42.81 28.95 6.15
C ARG A 344 -42.85 30.06 5.10
N ALA A 345 -42.96 29.64 3.83
CA ALA A 345 -42.98 30.57 2.71
C ALA A 345 -44.19 31.50 2.81
N CYS A 346 -45.36 30.89 2.99
CA CYS A 346 -46.61 31.64 3.04
C CYS A 346 -46.55 32.64 4.17
N TRP A 347 -46.10 32.16 5.33
CA TRP A 347 -45.90 33.01 6.51
C TRP A 347 -45.04 34.23 6.17
N SER A 348 -43.84 33.99 5.67
CA SER A 348 -42.94 35.09 5.24
C SER A 348 -43.57 35.97 4.18
N LEU A 349 -44.18 35.33 3.18
CA LEU A 349 -44.76 36.11 2.10
C LEU A 349 -45.88 37.07 2.57
N GLY A 350 -46.70 36.61 3.51
CA GLY A 350 -47.72 37.45 4.04
C GLY A 350 -47.09 38.69 4.69
N ASN A 351 -46.10 38.47 5.54
CA ASN A 351 -45.39 39.62 6.11
C ASN A 351 -44.78 40.55 5.06
N ALA A 352 -44.09 39.95 4.10
CA ALA A 352 -43.41 40.74 3.12
C ALA A 352 -44.46 41.61 2.37
N HIS A 353 -45.61 41.05 2.06
CA HIS A 353 -46.61 41.83 1.31
C HIS A 353 -47.21 42.99 2.13
N SER A 354 -47.57 42.73 3.38
CA SER A 354 -48.05 43.77 4.25
C SER A 354 -47.06 44.91 4.30
N ALA A 355 -45.81 44.53 4.41
CA ALA A 355 -44.75 45.52 4.63
C ALA A 355 -44.78 46.52 3.49
N ILE A 356 -45.19 46.07 2.32
CA ILE A 356 -45.28 46.97 1.18
C ILE A 356 -46.73 47.41 0.90
N GLY A 357 -47.63 47.21 1.86
CA GLY A 357 -49.02 47.61 1.71
C GLY A 357 -49.84 46.69 0.81
N GLY A 358 -49.21 45.60 0.35
CA GLY A 358 -49.92 44.61 -0.42
C GLY A 358 -50.85 43.84 0.49
N HIS A 359 -51.81 44.52 1.09
CA HIS A 359 -52.58 43.91 2.18
C HIS A 359 -53.53 42.80 1.80
N GLU A 360 -54.14 42.87 0.63
CA GLU A 360 -55.06 41.84 0.19
C GLU A 360 -54.28 40.57 -0.16
N ARG A 361 -53.22 40.74 -0.93
CA ARG A 361 -52.36 39.63 -1.27
C ARG A 361 -51.83 39.00 0.03
N ALA A 362 -51.49 39.84 0.98
CA ALA A 362 -50.95 39.32 2.23
C ALA A 362 -51.97 38.42 2.95
N LEU A 363 -53.24 38.81 2.83
CA LEU A 363 -54.32 38.06 3.47
C LEU A 363 -54.39 36.61 2.94
N LYS A 364 -54.26 36.49 1.62
CA LYS A 364 -54.27 35.19 0.96
C LYS A 364 -53.14 34.27 1.45
N TYR A 365 -51.93 34.81 1.62
CA TYR A 365 -50.84 33.96 2.08
C TYR A 365 -51.12 33.52 3.51
N ALA A 366 -51.72 34.42 4.30
CA ALA A 366 -51.96 34.15 5.69
C ALA A 366 -53.03 33.06 5.85
N GLU A 367 -54.03 33.08 4.98
CA GLU A 367 -55.02 32.01 4.93
C GLU A 367 -54.37 30.69 4.46
N GLN A 368 -53.55 30.77 3.43
CA GLN A 368 -52.80 29.62 2.93
C GLN A 368 -51.96 29.07 4.10
N HIS A 369 -51.33 29.96 4.87
CA HIS A 369 -50.50 29.54 6.00
C HIS A 369 -51.35 28.76 7.01
N LEU A 370 -52.50 29.32 7.36
CA LEU A 370 -53.48 28.67 8.24
C LEU A 370 -53.80 27.25 7.84
N GLN A 371 -54.36 27.09 6.64
CA GLN A 371 -54.57 25.76 6.09
C GLN A 371 -53.36 24.85 6.34
N LEU A 372 -52.21 25.24 5.80
CA LEU A 372 -51.00 24.42 5.87
C LEU A 372 -50.72 24.05 7.32
N ALA A 373 -50.60 25.07 8.16
CA ALA A 373 -50.39 24.92 9.59
C ALA A 373 -51.45 24.03 10.26
N UNK A 374 -49.13 22.22 13.04
CA UNK A 374 -48.48 22.90 14.17
C UNK A 374 -49.48 23.82 14.81
N UNK A 375 -49.82 23.56 16.06
CA UNK A 375 -50.68 24.47 16.78
C UNK A 375 -50.07 25.88 16.84
N UNK A 376 -48.77 25.95 17.12
CA UNK A 376 -48.10 27.26 17.26
C UNK A 376 -48.33 28.04 15.98
N UNK A 377 -48.12 27.36 14.86
CA UNK A 377 -48.33 27.93 13.55
C UNK A 377 -49.78 28.46 13.35
N UNK A 378 -50.76 27.59 13.60
CA UNK A 378 -52.17 27.94 13.51
C UNK A 378 -52.48 29.23 14.29
N UNK A 379 -52.01 29.27 15.53
CA UNK A 379 -52.14 30.46 16.36
C UNK A 379 -51.66 31.71 15.61
N UNK A 380 -50.43 31.65 15.10
CA UNK A 380 -49.78 32.80 14.48
C UNK A 380 -50.54 33.28 13.23
N UNK A 381 -50.88 32.37 12.33
CA UNK A 381 -51.62 32.77 11.14
C UNK A 381 -52.97 33.42 11.52
N UNK A 382 -53.74 32.79 12.41
CA UNK A 382 -55.05 33.37 12.79
C UNK A 382 -54.88 34.82 13.20
N UNK A 383 -53.81 35.10 13.93
CA UNK A 383 -53.56 36.48 14.38
C UNK A 383 -53.28 37.41 13.21
N UNK A 384 -52.46 36.95 12.26
CA UNK A 384 -52.13 37.75 11.08
C UNK A 384 -53.33 37.90 10.16
N UNK A 385 -54.18 36.86 10.12
CA UNK A 385 -55.35 36.86 9.25
C UNK A 385 -56.40 37.81 9.87
N UNK A 386 -56.46 37.85 11.19
CA UNK A 386 -57.37 38.78 11.86
C UNK A 386 -56.86 40.21 11.75
N UNK A 387 -55.56 40.38 11.86
CA UNK A 387 -55.01 41.73 11.85
C UNK A 387 -55.16 42.40 10.48
N UNK A 388 -55.19 41.60 9.42
CA UNK A 388 -55.33 42.19 8.08
C UNK A 388 -56.80 42.49 7.69
N UNK A 389 -57.73 42.20 8.58
CA UNK A 389 -59.14 42.51 8.33
C UNK A 389 -59.58 43.78 9.08
N GLY B 44 -5.57 -13.67 -40.23
CA GLY B 44 -4.48 -12.70 -40.52
C GLY B 44 -3.86 -12.07 -39.26
N SER B 45 -4.60 -11.13 -38.69
CA SER B 45 -4.58 -10.94 -37.26
C SER B 45 -4.94 -12.28 -36.51
N SER B 46 -5.90 -13.07 -37.03
CA SER B 46 -6.13 -14.38 -36.41
C SER B 46 -5.01 -15.40 -36.75
N MET B 47 -4.36 -15.24 -37.89
CA MET B 47 -3.23 -16.10 -38.26
C MET B 47 -2.09 -15.85 -37.26
N CYS B 48 -1.82 -14.56 -37.08
CA CYS B 48 -0.78 -14.12 -36.17
C CYS B 48 -1.07 -14.72 -34.79
N LEU B 49 -2.35 -14.62 -34.39
CA LEU B 49 -2.72 -15.00 -33.03
C LEU B 49 -2.42 -16.46 -32.83
N GLU B 50 -2.91 -17.30 -33.74
CA GLU B 50 -2.64 -18.73 -33.62
C GLU B 50 -1.14 -19.07 -33.66
N LEU B 51 -0.40 -18.39 -34.53
CA LEU B 51 1.04 -18.64 -34.58
C LEU B 51 1.70 -18.25 -33.28
N ALA B 52 1.23 -17.16 -32.69
CA ALA B 52 1.90 -16.62 -31.50
C ALA B 52 1.56 -17.56 -30.34
N LEU B 53 0.31 -18.07 -30.27
CA LEU B 53 -0.09 -18.96 -29.15
C LEU B 53 0.71 -20.27 -29.23
N GLU B 54 0.99 -20.73 -30.44
CA GLU B 54 1.78 -21.94 -30.58
C GLU B 54 3.21 -21.65 -30.19
N GLY B 55 3.71 -20.49 -30.60
CA GLY B 55 4.97 -20.02 -30.04
C GLY B 55 5.07 -20.07 -28.54
N GLU B 56 4.07 -19.48 -27.86
CA GLU B 56 4.04 -19.42 -26.39
C GLU B 56 4.04 -20.86 -25.86
N ARG B 57 3.21 -21.70 -26.44
CA ARG B 57 3.03 -23.01 -25.82
C ARG B 57 4.33 -23.80 -25.90
N LEU B 58 5.05 -23.58 -27.00
CA LEU B 58 6.30 -24.28 -27.26
C LEU B 58 7.48 -23.85 -26.43
N CYS B 59 7.59 -22.56 -26.15
CA CYS B 59 8.51 -22.13 -25.09
C CYS B 59 8.21 -22.73 -23.72
N ASN B 60 6.92 -22.81 -23.35
CA ASN B 60 6.50 -23.35 -22.05
C ASN B 60 6.93 -24.81 -22.00
N ALA B 61 6.82 -25.51 -23.10
CA ALA B 61 7.11 -26.94 -23.07
C ALA B 61 8.60 -27.14 -23.25
N GLY B 62 9.33 -26.05 -23.28
CA GLY B 62 10.75 -26.16 -23.36
C GLY B 62 11.23 -26.48 -24.76
N ASP B 63 10.48 -26.04 -25.78
CA ASP B 63 10.93 -26.06 -27.19
C ASP B 63 11.11 -24.61 -27.75
N CYS B 64 11.94 -23.84 -27.07
CA CYS B 64 11.99 -22.40 -27.24
C CYS B 64 12.55 -21.99 -28.62
N ARG B 65 13.46 -22.79 -29.13
CA ARG B 65 13.95 -22.51 -30.47
C ARG B 65 12.86 -22.58 -31.54
N ALA B 66 11.98 -23.57 -31.44
CA ALA B 66 10.84 -23.62 -32.34
C ALA B 66 9.86 -22.46 -31.99
N GLY B 67 9.79 -22.07 -30.73
CA GLY B 67 8.87 -21.05 -30.30
C GLY B 67 9.25 -19.74 -31.01
N VAL B 68 10.54 -19.50 -31.08
CA VAL B 68 11.01 -18.27 -31.62
C VAL B 68 10.59 -18.19 -33.09
N ALA B 69 10.71 -19.30 -33.80
CA ALA B 69 10.23 -19.42 -35.15
C ALA B 69 8.71 -19.09 -35.31
N PHE B 70 7.87 -19.56 -34.40
CA PHE B 70 6.47 -19.22 -34.43
C PHE B 70 6.24 -17.71 -34.17
N PHE B 71 7.00 -17.11 -33.26
CA PHE B 71 6.82 -15.71 -32.93
C PHE B 71 7.22 -14.95 -34.22
N GLN B 72 8.28 -15.40 -34.91
CA GLN B 72 8.69 -14.67 -36.08
C GLN B 72 7.61 -14.87 -37.19
N ALA B 73 7.07 -16.07 -37.35
CA ALA B 73 6.02 -16.25 -38.35
C ALA B 73 4.81 -15.30 -38.03
N ALA B 74 4.55 -15.12 -36.75
CA ALA B 74 3.41 -14.37 -36.25
C ALA B 74 3.63 -12.87 -36.59
N ILE B 75 4.85 -12.39 -36.39
CA ILE B 75 5.21 -11.05 -36.83
C ILE B 75 5.02 -10.93 -38.33
N GLN B 76 5.50 -11.90 -39.08
CA GLN B 76 5.37 -11.84 -40.51
C GLN B 76 3.87 -11.77 -40.93
N ALA B 77 3.05 -12.53 -40.25
CA ALA B 77 1.67 -12.63 -40.64
C ALA B 77 1.02 -11.27 -40.36
N GLY B 78 1.48 -10.59 -39.32
CA GLY B 78 1.08 -9.23 -39.10
C GLY B 78 -0.15 -9.15 -38.17
N THR B 79 -0.30 -8.04 -37.47
CA THR B 79 -1.52 -7.84 -36.70
C THR B 79 -1.74 -6.35 -36.47
N GLU B 80 -3.01 -6.02 -36.23
CA GLU B 80 -3.45 -4.69 -35.88
C GLU B 80 -3.53 -4.51 -34.34
N ASP B 81 -3.46 -5.61 -33.62
CA ASP B 81 -3.59 -5.52 -32.15
C ASP B 81 -2.21 -5.30 -31.39
N LEU B 82 -1.97 -4.07 -30.90
CA LEU B 82 -0.63 -3.72 -30.36
C LEU B 82 -0.37 -4.47 -29.09
N ARG B 83 -1.43 -4.79 -28.39
CA ARG B 83 -1.23 -5.54 -27.19
C ARG B 83 -0.71 -6.95 -27.49
N THR B 84 -1.33 -7.62 -28.45
CA THR B 84 -0.70 -8.85 -28.97
C THR B 84 0.73 -8.70 -29.53
N LEU B 85 0.97 -7.67 -30.35
CA LEU B 85 2.28 -7.54 -30.96
C LEU B 85 3.27 -7.38 -29.82
N SER B 86 2.88 -6.61 -28.80
CA SER B 86 3.78 -6.25 -27.72
C SER B 86 4.08 -7.52 -26.90
N ALA B 87 3.03 -8.29 -26.62
CA ALA B 87 3.28 -9.57 -26.00
C ALA B 87 4.25 -10.52 -26.82
N ILE B 88 4.15 -10.50 -28.16
CA ILE B 88 5.04 -11.33 -28.97
C ILE B 88 6.47 -10.79 -28.84
N TYR B 89 6.61 -9.48 -28.83
CA TYR B 89 7.98 -8.92 -28.70
C TYR B 89 8.63 -9.32 -27.38
N SER B 90 7.81 -9.24 -26.33
CA SER B 90 8.24 -9.61 -24.99
C SER B 90 8.62 -11.12 -24.90
N GLN B 91 7.77 -11.99 -25.40
CA GLN B 91 8.11 -13.43 -25.40
C GLN B 91 9.31 -13.77 -26.22
N LEU B 92 9.47 -13.12 -27.35
CA LEU B 92 10.72 -13.22 -28.09
C LEU B 92 11.92 -12.73 -27.32
N GLY B 93 11.75 -11.66 -26.57
CA GLY B 93 12.87 -11.14 -25.81
C GLY B 93 13.25 -12.12 -24.70
N ASN B 94 12.29 -12.68 -24.02
CA ASN B 94 12.62 -13.67 -22.99
C ASN B 94 13.21 -14.99 -23.58
N ALA B 95 12.69 -15.42 -24.73
CA ALA B 95 13.17 -16.67 -25.32
C ALA B 95 14.60 -16.50 -25.76
N TYR B 96 14.88 -15.37 -26.36
CA TYR B 96 16.29 -15.12 -26.69
C TYR B 96 17.18 -15.01 -25.46
N PHE B 97 16.69 -14.35 -24.40
CA PHE B 97 17.42 -14.32 -23.13
C PHE B 97 17.75 -15.80 -22.72
N TYR B 98 16.74 -16.66 -22.63
CA TYR B 98 16.95 -18.01 -22.09
C TYR B 98 17.90 -18.80 -22.99
N LEU B 99 17.89 -18.48 -24.27
CA LEU B 99 18.81 -19.18 -25.15
C LEU B 99 20.19 -18.59 -25.18
N GLY B 100 20.41 -17.51 -24.42
CA GLY B 100 21.72 -16.92 -24.31
C GLY B 100 22.04 -15.91 -25.40
N ASP B 101 21.06 -15.56 -26.24
CA ASP B 101 21.35 -14.50 -27.22
C ASP B 101 20.94 -13.11 -26.70
N TYR B 102 21.84 -12.48 -25.96
CA TYR B 102 21.46 -11.36 -25.13
C TYR B 102 21.23 -10.14 -26.04
N ASN B 103 21.98 -10.03 -27.12
CA ASN B 103 21.75 -8.94 -28.07
C ASN B 103 20.34 -8.97 -28.67
N LYS B 104 19.88 -10.15 -29.07
CA LYS B 104 18.53 -10.26 -29.57
C LYS B 104 17.53 -9.95 -28.47
N ALA B 105 17.76 -10.44 -27.27
CA ALA B 105 16.77 -10.30 -26.23
C ALA B 105 16.62 -8.77 -26.01
N MET B 106 17.75 -8.08 -26.02
CA MET B 106 17.77 -6.66 -25.72
C MET B 106 16.97 -5.94 -26.83
N GLN B 107 17.27 -6.28 -28.08
CA GLN B 107 16.54 -5.75 -29.22
C GLN B 107 15.00 -5.88 -29.08
N TYR B 108 14.50 -7.09 -28.79
CA TYR B 108 13.08 -7.31 -28.71
C TYR B 108 12.43 -6.72 -27.45
N HIS B 109 13.12 -6.77 -26.31
CA HIS B 109 12.60 -6.07 -25.14
C HIS B 109 12.44 -4.54 -25.41
N LYS B 110 13.39 -3.98 -26.17
CA LYS B 110 13.35 -2.59 -26.48
C LYS B 110 12.13 -2.33 -27.38
N HIS B 111 11.88 -3.21 -28.34
CA HIS B 111 10.76 -3.00 -29.26
C HIS B 111 9.46 -2.97 -28.44
N ASP B 112 9.37 -3.91 -27.50
CA ASP B 112 8.24 -4.08 -26.61
C ASP B 112 8.07 -2.85 -25.71
N LEU B 113 9.17 -2.40 -25.15
CA LEU B 113 9.20 -1.21 -24.32
C LEU B 113 8.67 -0.02 -25.11
N THR B 114 9.26 0.21 -26.28
CA THR B 114 8.92 1.39 -27.04
C THR B 114 7.43 1.22 -27.38
N LEU B 115 7.03 0.05 -27.84
CA LEU B 115 5.63 -0.10 -28.25
C LEU B 115 4.73 0.16 -27.04
N ALA B 116 5.15 -0.32 -25.87
CA ALA B 116 4.34 -0.10 -24.66
C ALA B 116 4.17 1.34 -24.22
N LYS B 117 5.24 2.12 -24.24
CA LYS B 117 5.14 3.61 -24.14
C LYS B 117 4.10 4.01 -25.16
N SER B 118 4.25 3.56 -26.41
CA SER B 118 3.47 4.22 -27.48
C SER B 118 1.96 3.87 -27.29
N MET B 119 1.69 2.91 -26.40
CA MET B 119 0.31 2.44 -26.08
C MET B 119 -0.17 2.88 -24.71
N ASN B 120 0.66 3.68 -24.07
CA ASN B 120 0.41 4.09 -22.74
C ASN B 120 -0.03 2.96 -21.81
N ASP B 121 0.61 1.81 -21.94
CA ASP B 121 0.34 0.73 -21.03
C ASP B 121 1.41 0.70 -19.90
N ARG B 122 1.11 1.33 -18.77
CA ARG B 122 2.13 1.68 -17.80
C ARG B 122 2.66 0.42 -17.09
N LEU B 123 1.74 -0.43 -16.68
CA LEU B 123 2.15 -1.69 -16.12
C LEU B 123 2.95 -2.49 -17.14
N GLY B 124 2.52 -2.48 -18.41
CA GLY B 124 3.26 -3.15 -19.46
C GLY B 124 4.64 -2.50 -19.63
N GLU B 125 4.71 -1.17 -19.61
CA GLU B 125 6.00 -0.50 -19.77
C GLU B 125 6.92 -0.93 -18.62
N ALA B 126 6.36 -1.03 -17.43
CA ALA B 126 7.16 -1.40 -16.26
C ALA B 126 7.76 -2.81 -16.43
N LYS B 127 6.95 -3.72 -16.91
CA LYS B 127 7.47 -5.06 -17.18
C LYS B 127 8.61 -5.04 -18.21
N SER B 128 8.39 -4.30 -19.29
CA SER B 128 9.38 -4.25 -20.34
C SER B 128 10.67 -3.68 -19.79
N SER B 129 10.56 -2.61 -19.01
CA SER B 129 11.74 -2.00 -18.41
C SER B 129 12.49 -3.01 -17.50
N GLY B 130 11.74 -3.75 -16.71
CA GLY B 130 12.31 -4.74 -15.83
C GLY B 130 13.06 -5.79 -16.68
N ASN B 131 12.46 -6.17 -17.79
CA ASN B 131 13.01 -7.25 -18.59
C ASN B 131 14.32 -6.80 -19.29
N LEU B 132 14.28 -5.59 -19.81
CA LEU B 132 15.37 -5.03 -20.50
C LEU B 132 16.53 -4.83 -19.50
N GLY B 133 16.19 -4.34 -18.30
CA GLY B 133 17.17 -4.11 -17.23
C GLY B 133 17.88 -5.40 -16.85
N ASN B 134 17.12 -6.47 -16.75
CA ASN B 134 17.67 -7.79 -16.49
C ASN B 134 18.66 -8.23 -17.57
N THR B 135 18.27 -7.99 -18.82
CA THR B 135 19.12 -8.35 -19.95
C THR B 135 20.42 -7.55 -19.94
N LEU B 136 20.27 -6.22 -19.74
CA LEU B 136 21.44 -5.38 -19.65
C LEU B 136 22.35 -5.84 -18.49
N LYS B 137 21.74 -6.28 -17.38
CA LYS B 137 22.53 -6.72 -16.22
C LYS B 137 23.42 -7.91 -16.62
N VAL B 138 22.82 -8.87 -17.32
CA VAL B 138 23.56 -10.04 -17.69
C VAL B 138 24.69 -9.69 -18.69
N MET B 139 24.50 -8.65 -19.50
CA MET B 139 25.55 -8.20 -20.40
C MET B 139 26.66 -7.38 -19.71
N GLY B 140 26.57 -7.14 -18.40
CA GLY B 140 27.54 -6.38 -17.66
C GLY B 140 27.35 -4.90 -17.91
N ARG B 141 26.18 -4.51 -18.38
CA ARG B 141 25.93 -3.09 -18.64
C ARG B 141 25.11 -2.53 -17.48
N PHE B 142 25.78 -2.37 -16.34
CA PHE B 142 25.12 -2.12 -15.05
C PHE B 142 24.47 -0.74 -14.94
N ASP B 143 25.15 0.31 -15.44
CA ASP B 143 24.60 1.66 -15.39
C ASP B 143 23.24 1.70 -16.10
N GLU B 144 23.25 1.19 -17.33
CA GLU B 144 22.03 1.11 -18.13
C GLU B 144 20.97 0.21 -17.49
N ALA B 145 21.38 -0.90 -16.90
CA ALA B 145 20.43 -1.82 -16.27
C ALA B 145 19.71 -1.12 -15.14
N ALA B 146 20.47 -0.41 -14.33
CA ALA B 146 19.96 0.29 -13.14
C ALA B 146 18.90 1.33 -13.58
N ILE B 147 19.22 2.09 -14.63
CA ILE B 147 18.28 3.06 -15.18
C ILE B 147 16.97 2.40 -15.57
N CYS B 148 17.04 1.29 -16.31
CA CYS B 148 15.81 0.55 -16.68
C CYS B 148 15.03 0.06 -15.46
N CYS B 149 15.76 -0.44 -14.47
CA CYS B 149 15.14 -1.01 -13.26
C CYS B 149 14.57 0.06 -12.34
N GLU B 150 15.19 1.25 -12.32
CA GLU B 150 14.64 2.44 -11.62
C GLU B 150 13.31 2.83 -12.27
N ARG B 151 13.27 2.72 -13.60
CA ARG B 151 12.08 3.12 -14.34
C ARG B 151 10.91 2.20 -13.95
N HIS B 152 11.20 0.92 -13.87
CA HIS B 152 10.22 -0.07 -13.42
C HIS B 152 9.70 0.34 -12.04
N LEU B 153 10.64 0.69 -11.16
CA LEU B 153 10.31 1.06 -9.79
C LEU B 153 9.46 2.32 -9.78
N THR B 154 9.83 3.31 -10.61
CA THR B 154 9.09 4.56 -10.71
C THR B 154 7.61 4.33 -11.15
N LEU B 155 7.45 3.59 -12.24
CA LEU B 155 6.12 3.26 -12.74
C LEU B 155 5.29 2.48 -11.69
N ALA B 156 5.91 1.50 -11.02
CA ALA B 156 5.19 0.68 -10.03
C ALA B 156 4.65 1.54 -8.90
N ARG B 157 5.45 2.49 -8.49
CA ARG B 157 5.01 3.39 -7.41
C ARG B 157 3.94 4.38 -7.91
N GLN B 158 4.06 4.82 -9.15
CA GLN B 158 3.02 5.69 -9.70
C GLN B 158 1.69 4.92 -9.69
N LEU B 159 1.73 3.66 -10.12
CA LEU B 159 0.52 2.87 -10.17
C LEU B 159 0.02 2.40 -8.78
N GLY B 160 0.85 2.55 -7.72
CA GLY B 160 0.52 1.98 -6.42
C GLY B 160 0.51 0.44 -6.44
N ASP B 161 1.33 -0.14 -7.31
CA ASP B 161 1.32 -1.59 -7.43
C ASP B 161 2.46 -2.12 -6.57
N ARG B 162 2.12 -2.44 -5.32
CA ARG B 162 3.10 -2.88 -4.32
C ARG B 162 3.87 -4.13 -4.71
N LEU B 163 3.21 -5.10 -5.34
CA LEU B 163 3.93 -6.28 -5.77
C LEU B 163 4.90 -5.96 -6.86
N SER B 164 4.47 -5.11 -7.80
CA SER B 164 5.36 -4.71 -8.85
C SER B 164 6.57 -3.90 -8.25
N GLU B 165 6.28 -3.03 -7.28
CA GLU B 165 7.30 -2.25 -6.60
C GLU B 165 8.36 -3.21 -5.91
N GLY B 166 7.85 -4.23 -5.22
CA GLY B 166 8.65 -5.26 -4.57
C GLY B 166 9.63 -5.90 -5.53
N ARG B 167 9.08 -6.36 -6.66
CA ARG B 167 9.87 -6.94 -7.74
C ARG B 167 10.97 -5.98 -8.22
N ALA B 168 10.59 -4.71 -8.42
CA ALA B 168 11.55 -3.75 -8.94
C ALA B 168 12.71 -3.59 -7.93
N LEU B 169 12.39 -3.57 -6.63
CA LEU B 169 13.37 -3.37 -5.56
C LEU B 169 14.35 -4.57 -5.54
N TYR B 170 13.80 -5.76 -5.68
CA TYR B 170 14.54 -6.99 -5.70
C TYR B 170 15.46 -6.96 -6.92
N ASN B 171 14.92 -6.58 -8.10
CA ASN B 171 15.74 -6.52 -9.28
C ASN B 171 16.90 -5.51 -9.17
N LEU B 172 16.64 -4.35 -8.53
CA LEU B 172 17.71 -3.33 -8.42
C LEU B 172 18.81 -3.88 -7.48
N GLY B 173 18.37 -4.58 -6.44
CA GLY B 173 19.23 -5.36 -5.53
C GLY B 173 20.11 -6.31 -6.37
N ASN B 174 19.47 -7.00 -7.31
CA ASN B 174 20.25 -7.94 -8.15
C ASN B 174 21.29 -7.21 -9.05
N VAL B 175 20.92 -6.05 -9.63
CA VAL B 175 21.80 -5.30 -10.49
C VAL B 175 23.07 -4.88 -9.69
N TYR B 176 22.86 -4.27 -8.54
CA TYR B 176 23.99 -3.77 -7.74
C TYR B 176 24.81 -4.93 -7.12
N HIS B 177 24.14 -6.03 -6.82
CA HIS B 177 24.84 -7.19 -6.30
C HIS B 177 25.73 -7.77 -7.43
N ALA B 178 25.18 -7.90 -8.63
CA ALA B 178 25.97 -8.39 -9.75
C ALA B 178 27.11 -7.42 -10.10
N LYS B 179 26.83 -6.13 -10.10
CA LYS B 179 27.89 -5.14 -10.29
C LYS B 179 29.03 -5.24 -9.26
N GLY B 180 28.73 -5.27 -7.97
CA GLY B 180 29.82 -5.34 -7.00
C GLY B 180 30.61 -6.65 -7.09
N LYS B 181 29.90 -7.74 -7.34
CA LYS B 181 30.55 -9.05 -7.53
C LYS B 181 31.52 -9.01 -8.73
N HIS B 182 31.02 -8.45 -9.83
CA HIS B 182 31.83 -8.31 -11.00
C HIS B 182 33.06 -7.44 -10.75
N LEU B 183 32.86 -6.26 -10.19
CA LEU B 183 34.04 -5.40 -9.86
C LEU B 183 35.07 -6.08 -8.99
N GLY B 184 34.61 -6.90 -8.03
CA GLY B 184 35.52 -7.55 -7.09
C GLY B 184 36.34 -8.60 -7.82
N GLN B 185 35.71 -9.30 -8.76
CA GLN B 185 36.36 -10.39 -9.49
C GLN B 185 37.41 -9.85 -10.44
N ARG B 186 37.06 -8.74 -11.07
CA ARG B 186 37.84 -8.22 -12.15
C ARG B 186 39.19 -7.66 -11.66
N ASN B 187 39.24 -7.31 -10.37
CA ASN B 187 40.50 -6.92 -9.75
C ASN B 187 40.63 -7.51 -8.35
N PRO B 188 40.92 -8.81 -8.28
CA PRO B 188 40.81 -9.57 -7.04
C PRO B 188 41.79 -9.10 -5.98
N GLY B 189 42.83 -8.37 -6.40
CA GLY B 189 43.89 -7.98 -5.48
C GLY B 189 43.54 -6.73 -4.69
N LYS B 190 42.38 -6.16 -4.96
CA LYS B 190 41.99 -4.97 -4.25
C LYS B 190 40.51 -5.01 -3.89
N PHE B 191 40.16 -4.32 -2.82
CA PHE B 191 38.79 -4.29 -2.35
C PHE B 191 38.36 -2.82 -2.31
N GLY B 192 38.14 -2.25 -3.49
CA GLY B 192 37.97 -0.80 -3.66
C GLY B 192 36.64 -0.21 -3.18
N ASP B 193 36.60 1.13 -3.10
CA ASP B 193 35.37 1.83 -2.77
C ASP B 193 34.23 1.50 -3.74
N ASP B 194 34.57 1.29 -5.01
CA ASP B 194 33.58 1.03 -6.05
C ASP B 194 32.84 -0.27 -5.72
N VAL B 195 33.59 -1.29 -5.33
CA VAL B 195 32.99 -2.55 -4.92
C VAL B 195 32.01 -2.40 -3.75
N LYS B 196 32.49 -1.75 -2.69
CA LYS B 196 31.76 -1.53 -1.44
C LYS B 196 30.53 -0.66 -1.73
N GLU B 197 30.69 0.37 -2.54
CA GLU B 197 29.59 1.23 -2.93
C GLU B 197 28.45 0.45 -3.66
N ALA B 198 28.85 -0.41 -4.60
CA ALA B 198 27.88 -1.24 -5.34
C ALA B 198 27.13 -2.19 -4.41
N LEU B 199 27.92 -2.95 -3.65
CA LEU B 199 27.33 -3.86 -2.68
C LEU B 199 26.44 -3.14 -1.66
N THR B 200 26.86 -1.92 -1.28
CA THR B 200 26.09 -1.13 -0.31
C THR B 200 24.72 -0.75 -0.86
N ARG B 201 24.68 -0.32 -2.10
CA ARG B 201 23.37 -0.06 -2.73
C ARG B 201 22.52 -1.31 -2.80
N ALA B 202 23.17 -2.43 -3.05
CA ALA B 202 22.45 -3.68 -3.15
C ALA B 202 21.75 -4.00 -1.81
N VAL B 203 22.54 -3.88 -0.73
CA VAL B 203 22.02 -4.04 0.63
C VAL B 203 20.78 -3.14 0.82
N GLU B 204 20.90 -1.88 0.45
CA GLU B 204 19.77 -0.95 0.63
C GLU B 204 18.52 -1.44 -0.14
N PHE B 205 18.64 -1.82 -1.41
CA PHE B 205 17.49 -2.25 -2.18
C PHE B 205 16.92 -3.54 -1.60
N TYR B 206 17.77 -4.49 -1.27
CA TYR B 206 17.28 -5.73 -0.71
C TYR B 206 16.55 -5.50 0.61
N GLN B 207 17.05 -4.58 1.45
CA GLN B 207 16.40 -4.29 2.73
C GLN B 207 15.03 -3.67 2.51
N GLU B 208 14.96 -2.75 1.56
CA GLU B 208 13.69 -2.11 1.21
C GLU B 208 12.71 -3.18 0.73
N ASN B 209 13.19 -4.07 -0.15
CA ASN B 209 12.40 -5.22 -0.58
C ASN B 209 11.91 -6.12 0.58
N LEU B 210 12.83 -6.53 1.42
CA LEU B 210 12.50 -7.38 2.56
C LEU B 210 11.38 -6.74 3.42
N LYS B 211 11.51 -5.44 3.68
CA LYS B 211 10.53 -4.77 4.51
C LYS B 211 9.14 -4.79 3.87
N LEU B 212 9.11 -4.52 2.57
CA LEU B 212 7.85 -4.53 1.84
C LEU B 212 7.25 -5.93 1.81
N MET B 213 8.11 -6.93 1.58
CA MET B 213 7.70 -8.34 1.62
C MET B 213 7.12 -8.79 2.98
N ARG B 214 7.76 -8.39 4.09
CA ARG B 214 7.14 -8.46 5.44
C ARG B 214 5.76 -7.75 5.55
N ASP B 215 5.65 -6.51 5.06
CA ASP B 215 4.37 -5.78 5.10
C ASP B 215 3.30 -6.51 4.31
N LEU B 216 3.68 -7.06 3.16
CA LEU B 216 2.74 -7.84 2.38
C LEU B 216 2.53 -9.27 2.87
N GLY B 217 3.39 -9.75 3.79
CA GLY B 217 3.23 -11.10 4.27
C GLY B 217 3.65 -12.16 3.24
N ASP B 218 4.46 -11.78 2.26
CA ASP B 218 4.90 -12.74 1.27
C ASP B 218 6.12 -13.54 1.79
N ARG B 219 5.84 -14.66 2.46
CA ARG B 219 6.92 -15.40 3.14
C ARG B 219 8.01 -15.88 2.21
N GLY B 220 7.64 -16.45 1.06
CA GLY B 220 8.69 -17.00 0.19
C GLY B 220 9.54 -15.85 -0.35
N ALA B 221 8.94 -14.70 -0.57
CA ALA B 221 9.70 -13.57 -1.11
C ALA B 221 10.63 -13.06 0.00
N GLN B 222 10.18 -13.10 1.25
CA GLN B 222 11.08 -12.77 2.35
C GLN B 222 12.33 -13.68 2.34
N GLY B 223 12.13 -14.94 1.97
CA GLY B 223 13.17 -15.95 1.99
C GLY B 223 14.17 -15.56 0.88
N ARG B 224 13.66 -15.12 -0.26
CA ARG B 224 14.59 -14.79 -1.36
C ARG B 224 15.44 -13.54 -1.02
N ALA B 225 14.78 -12.57 -0.41
CA ALA B 225 15.45 -11.33 -0.05
C ALA B 225 16.55 -11.66 1.00
N CYS B 226 16.24 -12.52 1.98
CA CYS B 226 17.21 -12.85 3.02
C CYS B 226 18.39 -13.54 2.43
N GLY B 227 18.15 -14.39 1.45
CA GLY B 227 19.26 -15.13 0.87
C GLY B 227 20.25 -14.20 0.18
N ASN B 228 19.69 -13.29 -0.63
CA ASN B 228 20.49 -12.32 -1.38
C ASN B 228 21.12 -11.29 -0.48
N LEU B 229 20.44 -10.92 0.60
CA LEU B 229 20.99 -9.98 1.55
C LEU B 229 22.23 -10.69 2.21
N GLY B 230 22.04 -11.96 2.58
CA GLY B 230 23.06 -12.77 3.21
C GLY B 230 24.29 -12.83 2.32
N ASN B 231 24.10 -13.11 1.04
CA ASN B 231 25.20 -13.11 0.10
C ASN B 231 25.92 -11.78 -0.01
N THR B 232 25.17 -10.67 -0.02
CA THR B 232 25.70 -9.38 -0.27
C THR B 232 26.48 -9.00 0.97
N TYR B 233 25.93 -9.24 2.16
CA TYR B 233 26.70 -8.87 3.37
C TYR B 233 27.98 -9.72 3.46
N TYR B 234 27.90 -10.95 2.97
CA TYR B 234 29.04 -11.86 3.01
C TYR B 234 30.14 -11.28 2.11
N LEU B 235 29.79 -10.83 0.91
CA LEU B 235 30.79 -10.14 0.02
C LEU B 235 31.35 -8.88 0.64
N LEU B 236 30.48 -8.15 1.35
CA LEU B 236 30.94 -6.96 2.05
C LEU B 236 31.86 -7.34 3.23
N GLY B 237 31.82 -8.59 3.67
CA GLY B 237 32.63 -8.94 4.82
C GLY B 237 31.89 -8.69 6.13
N ASP B 238 30.58 -8.48 6.06
CA ASP B 238 29.80 -8.38 7.30
C ASP B 238 29.26 -9.75 7.55
N PHE B 239 30.15 -10.64 8.03
CA PHE B 239 29.83 -12.04 8.09
C PHE B 239 28.74 -12.36 9.13
N GLN B 240 28.70 -11.58 10.20
CA GLN B 240 27.69 -11.71 11.26
C GLN B 240 26.31 -11.33 10.69
N ALA B 241 26.22 -10.23 9.92
CA ALA B 241 24.98 -9.92 9.22
C ALA B 241 24.59 -11.02 8.22
N ALA B 242 25.58 -11.59 7.51
CA ALA B 242 25.28 -12.68 6.58
C ALA B 242 24.70 -13.89 7.27
N ILE B 243 25.34 -14.27 8.37
CA ILE B 243 24.82 -15.34 9.17
C ILE B 243 23.31 -15.18 9.48
N GLU B 244 22.97 -14.04 10.07
CA GLU B 244 21.61 -13.76 10.51
C GLU B 244 20.65 -13.84 9.38
N HIS B 245 21.07 -13.37 8.21
CA HIS B 245 20.15 -13.43 7.10
C HIS B 245 20.08 -14.79 6.49
N HIS B 246 21.22 -15.49 6.41
CA HIS B 246 21.16 -16.88 5.90
C HIS B 246 20.31 -17.76 6.85
N GLN B 247 20.35 -17.46 8.14
CA GLN B 247 19.61 -18.27 9.11
C GLN B 247 18.08 -18.10 8.92
N GLU B 248 17.70 -16.85 8.66
CA GLU B 248 16.30 -16.60 8.42
C GLU B 248 15.95 -17.30 7.10
N ARG B 249 16.84 -17.16 6.10
CA ARG B 249 16.62 -17.82 4.81
C ARG B 249 16.35 -19.34 5.05
N LEU B 250 17.14 -19.95 5.89
CA LEU B 250 16.99 -21.38 6.15
C LEU B 250 15.65 -21.68 6.82
N ARG B 251 15.34 -20.91 7.84
CA ARG B 251 14.03 -21.07 8.46
C ARG B 251 12.91 -21.01 7.44
N ILE B 252 12.92 -20.01 6.58
CA ILE B 252 11.84 -19.89 5.62
C ILE B 252 11.80 -21.10 4.67
N ALA B 253 12.97 -21.51 4.16
CA ALA B 253 13.08 -22.64 3.25
C ALA B 253 12.43 -23.88 3.89
N ARG B 254 12.72 -24.06 5.17
CA ARG B 254 12.14 -25.21 5.87
C ARG B 254 10.64 -25.09 5.97
N GLU B 255 10.13 -23.88 6.21
CA GLU B 255 8.66 -23.73 6.24
C GLU B 255 8.03 -24.15 4.94
N PHE B 256 8.75 -23.94 3.86
CA PHE B 256 8.20 -24.30 2.56
C PHE B 256 8.57 -25.68 2.07
N GLY B 257 9.38 -26.41 2.83
CA GLY B 257 9.80 -27.73 2.39
C GLY B 257 10.64 -27.56 1.14
N ASP B 258 11.30 -26.42 1.04
CA ASP B 258 12.14 -26.19 -0.12
C ASP B 258 13.57 -26.70 0.15
N ARG B 259 13.82 -27.97 -0.19
CA ARG B 259 15.11 -28.61 0.10
C ARG B 259 16.26 -27.91 -0.59
N ALA B 260 16.07 -27.45 -1.82
CA ALA B 260 17.16 -26.80 -2.54
C ALA B 260 17.57 -25.50 -1.84
N ALA B 261 16.59 -24.77 -1.35
CA ALA B 261 16.90 -23.52 -0.70
C ALA B 261 17.56 -23.85 0.63
N GLU B 262 17.17 -24.98 1.23
CA GLU B 262 17.80 -25.41 2.47
C GLU B 262 19.30 -25.71 2.25
N ARG B 263 19.56 -26.38 1.14
CA ARG B 263 20.91 -26.73 0.80
C ARG B 263 21.75 -25.44 0.62
N ARG B 264 21.25 -24.52 -0.21
CA ARG B 264 21.91 -23.23 -0.41
C ARG B 264 22.22 -22.56 0.93
N ALA B 265 21.18 -22.46 1.78
CA ALA B 265 21.33 -21.71 3.02
C ALA B 265 22.46 -22.38 3.87
N ASN B 266 22.48 -23.73 3.88
CA ASN B 266 23.39 -24.40 4.77
C ASN B 266 24.79 -24.23 4.25
N SER B 267 24.91 -24.20 2.93
CA SER B 267 26.18 -23.97 2.31
C SER B 267 26.68 -22.56 2.65
N ASN B 268 25.79 -21.55 2.67
CA ASN B 268 26.19 -20.13 2.84
C ASN B 268 26.57 -19.92 4.31
N LEU B 269 25.81 -20.58 5.16
CA LEU B 269 26.13 -20.63 6.58
C LEU B 269 27.51 -21.21 6.87
N GLY B 270 27.81 -22.37 6.29
CA GLY B 270 29.12 -22.99 6.50
C GLY B 270 30.21 -22.00 6.15
N ASN B 271 30.15 -21.44 4.95
CA ASN B 271 31.09 -20.40 4.54
C ASN B 271 31.13 -19.20 5.54
N SER B 272 29.97 -18.70 5.95
CA SER B 272 29.95 -17.60 6.89
C SER B 272 30.62 -17.97 8.22
N HIS B 273 30.39 -19.18 8.69
CA HIS B 273 31.01 -19.58 9.92
C HIS B 273 32.53 -19.65 9.76
N ILE B 274 33.00 -20.13 8.61
CA ILE B 274 34.42 -20.21 8.41
C ILE B 274 34.98 -18.77 8.58
N PHE B 275 34.26 -17.81 7.96
CA PHE B 275 34.73 -16.43 8.02
C PHE B 275 34.46 -15.74 9.34
N LEU B 276 33.94 -16.48 10.34
CA LEU B 276 33.91 -15.92 11.69
C LEU B 276 34.81 -16.73 12.59
N GLY B 277 35.61 -17.62 12.00
CA GLY B 277 36.48 -18.44 12.84
C GLY B 277 35.71 -19.51 13.63
N GLN B 278 34.47 -19.82 13.24
CA GLN B 278 33.65 -20.77 14.03
C GLN B 278 33.67 -22.15 13.34
N PHE B 279 34.76 -22.87 13.50
CA PHE B 279 35.00 -24.03 12.64
C PHE B 279 34.03 -25.21 12.86
N GLU B 280 33.69 -25.50 14.12
CA GLU B 280 32.69 -26.55 14.45
C GLU B 280 31.27 -26.26 13.82
N ASP B 281 30.80 -25.00 13.94
CA ASP B 281 29.56 -24.62 13.28
C ASP B 281 29.70 -24.81 11.80
N ALA B 282 30.87 -24.48 11.25
CA ALA B 282 31.04 -24.60 9.82
C ALA B 282 30.92 -26.08 9.41
N ALA B 283 31.63 -26.95 10.14
CA ALA B 283 31.57 -28.39 9.86
C ALA B 283 30.11 -28.94 9.89
N GLU B 284 29.37 -28.58 10.92
CA GLU B 284 27.94 -28.93 11.03
C GLU B 284 27.16 -28.47 9.79
N HIS B 285 27.31 -27.20 9.39
CA HIS B 285 26.59 -26.71 8.23
C HIS B 285 26.97 -27.35 6.91
N TYR B 286 28.26 -27.67 6.78
CA TYR B 286 28.72 -28.33 5.56
C TYR B 286 28.14 -29.76 5.51
N LYS B 287 28.04 -30.44 6.67
CA LYS B 287 27.50 -31.79 6.75
C LYS B 287 26.01 -31.83 6.40
N ARG B 288 25.28 -30.85 6.94
CA ARG B 288 23.90 -30.66 6.56
C ARG B 288 23.77 -30.42 5.04
N THR B 289 24.63 -29.53 4.51
CA THR B 289 24.74 -29.33 3.07
C THR B 289 24.96 -30.63 2.34
N LEU B 290 25.90 -31.45 2.84
CA LEU B 290 26.22 -32.69 2.22
C LEU B 290 24.99 -33.65 2.19
N ALA B 291 24.28 -33.73 3.32
CA ALA B 291 23.16 -34.64 3.44
C ALA B 291 22.05 -34.20 2.48
N LEU B 292 21.87 -32.89 2.37
CA LEU B 292 20.88 -32.36 1.44
C LEU B 292 21.27 -32.68 -0.02
N ALA B 293 22.56 -32.53 -0.33
CA ALA B 293 23.03 -32.72 -1.69
C ALA B 293 22.94 -34.19 -2.12
N VAL B 294 23.15 -35.08 -1.17
CA VAL B 294 22.91 -36.49 -1.44
C VAL B 294 21.40 -36.73 -1.69
N GLU B 295 20.56 -36.18 -0.82
CA GLU B 295 19.13 -36.37 -1.01
C GLU B 295 18.62 -35.78 -2.34
N LEU B 296 19.20 -34.66 -2.75
CA LEU B 296 18.80 -34.00 -4.00
C LEU B 296 19.52 -34.55 -5.23
N GLY B 297 20.41 -35.50 -5.03
CA GLY B 297 21.24 -36.00 -6.13
C GLY B 297 22.09 -34.94 -6.84
N GLU B 298 22.54 -33.92 -6.11
CA GLU B 298 23.48 -32.92 -6.64
C GLU B 298 24.93 -33.39 -6.38
N ARG B 299 25.46 -34.17 -7.30
CA ARG B 299 26.74 -34.83 -7.14
C ARG B 299 27.90 -33.82 -7.10
N GLU B 300 27.84 -32.78 -7.93
CA GLU B 300 28.85 -31.72 -7.92
C GLU B 300 28.83 -31.01 -6.56
N VAL B 301 27.63 -30.78 -6.02
CA VAL B 301 27.56 -30.06 -4.76
C VAL B 301 28.02 -31.03 -3.63
N GLU B 302 27.71 -32.31 -3.80
CA GLU B 302 28.15 -33.29 -2.81
C GLU B 302 29.67 -33.24 -2.76
N ALA B 303 30.29 -33.19 -3.92
CA ALA B 303 31.76 -33.11 -3.98
C ALA B 303 32.28 -31.88 -3.24
N GLN B 304 31.76 -30.69 -3.57
CA GLN B 304 32.28 -29.44 -2.98
C GLN B 304 32.12 -29.43 -1.44
N SER B 305 31.00 -29.96 -0.95
CA SER B 305 30.73 -30.03 0.47
C SER B 305 31.80 -30.94 1.15
N CYS B 306 32.07 -32.08 0.54
CA CYS B 306 33.11 -32.98 0.99
C CYS B 306 34.46 -32.26 0.98
N TYR B 307 34.81 -31.56 -0.08
CA TYR B 307 36.11 -30.90 -0.10
C TYR B 307 36.17 -29.84 1.04
N SER B 308 35.06 -29.15 1.25
CA SER B 308 35.00 -28.14 2.29
C SER B 308 35.17 -28.76 3.67
N LEU B 309 34.58 -29.92 3.85
CA LEU B 309 34.70 -30.64 5.10
C LEU B 309 36.13 -31.16 5.33
N GLY B 310 36.84 -31.53 4.27
CA GLY B 310 38.22 -32.01 4.41
C GLY B 310 39.07 -30.86 4.95
N ASN B 311 38.91 -29.67 4.36
CA ASN B 311 39.64 -28.49 4.76
C ASN B 311 39.34 -28.09 6.22
N THR B 312 38.07 -28.15 6.55
CA THR B 312 37.61 -27.61 7.78
C THR B 312 38.13 -28.56 8.89
N TYR B 313 38.04 -29.87 8.68
CA TYR B 313 38.63 -30.86 9.60
C TYR B 313 40.15 -30.78 9.67
N THR B 314 40.81 -30.28 8.63
CA THR B 314 42.26 -30.14 8.68
C THR B 314 42.55 -29.00 9.67
N LEU B 315 41.80 -27.89 9.55
CA LEU B 315 41.96 -26.79 10.49
C LEU B 315 41.69 -27.28 11.92
N LEU B 316 40.76 -28.23 12.04
CA LEU B 316 40.36 -28.77 13.34
C LEU B 316 41.42 -29.77 13.84
N HIS B 317 42.47 -30.01 13.05
CA HIS B 317 43.41 -31.09 13.35
C HIS B 317 42.78 -32.52 13.50
N GLU B 318 41.75 -32.79 12.72
CA GLU B 318 41.18 -34.15 12.68
C GLU B 318 41.52 -34.77 11.33
N PHE B 319 42.79 -35.15 11.21
CA PHE B 319 43.34 -35.53 9.92
C PHE B 319 42.65 -36.74 9.33
N ASN B 320 42.49 -37.81 10.11
CA ASN B 320 41.72 -38.98 9.66
C ASN B 320 40.32 -38.63 9.16
N THR B 321 39.67 -37.80 9.91
CA THR B 321 38.34 -37.43 9.48
C THR B 321 38.38 -36.56 8.20
N ALA B 322 39.41 -35.71 8.09
CA ALA B 322 39.59 -34.90 6.91
C ALA B 322 39.84 -35.82 5.75
N ILE B 323 40.67 -36.83 5.95
CA ILE B 323 41.06 -37.74 4.85
C ILE B 323 39.86 -38.48 4.29
N GLU B 324 38.92 -38.88 5.16
CA GLU B 324 37.70 -39.51 4.63
C GLU B 324 36.89 -38.57 3.75
N TYR B 325 36.75 -37.33 4.19
CA TYR B 325 36.04 -36.35 3.36
C TYR B 325 36.72 -36.06 2.04
N HIS B 326 38.04 -35.86 2.08
CA HIS B 326 38.79 -35.68 0.84
C HIS B 326 38.69 -36.89 -0.10
N ASN B 327 38.68 -38.10 0.47
CA ASN B 327 38.58 -39.33 -0.37
C ASN B 327 37.25 -39.28 -1.13
N ARG B 328 36.20 -38.82 -0.45
CA ARG B 328 34.87 -38.73 -1.07
C ARG B 328 34.89 -37.73 -2.21
N HIS B 329 35.39 -36.51 -1.93
CA HIS B 329 35.55 -35.52 -2.98
C HIS B 329 36.32 -36.10 -4.17
N LEU B 330 37.43 -36.78 -3.88
CA LEU B 330 38.27 -37.27 -4.95
C LEU B 330 37.50 -38.23 -5.87
N ALA B 331 36.74 -39.17 -5.26
CA ALA B 331 35.99 -40.18 -6.03
C ALA B 331 34.92 -39.54 -6.91
N ILE B 332 34.19 -38.59 -6.35
CA ILE B 332 33.26 -37.87 -7.20
C ILE B 332 33.98 -37.15 -8.35
N ALA B 333 35.07 -36.41 -8.04
CA ALA B 333 35.74 -35.66 -9.10
C ALA B 333 36.19 -36.61 -10.23
N GLN B 334 36.61 -37.80 -9.84
CA GLN B 334 36.99 -38.78 -10.83
C GLN B 334 35.77 -39.22 -11.63
N GLU B 335 34.69 -39.55 -10.93
CA GLU B 335 33.50 -40.02 -11.63
C GLU B 335 33.00 -38.97 -12.62
N LEU B 336 33.15 -37.68 -12.28
CA LEU B 336 32.61 -36.61 -13.11
C LEU B 336 33.55 -36.12 -14.18
N GLY B 337 34.77 -36.65 -14.21
CA GLY B 337 35.75 -36.22 -15.18
C GLY B 337 36.19 -34.78 -14.93
N ASP B 338 35.95 -34.29 -13.73
CA ASP B 338 36.42 -32.96 -13.35
C ASP B 338 37.89 -33.02 -12.92
N ARG B 339 38.81 -32.87 -13.87
CA ARG B 339 40.23 -33.06 -13.55
C ARG B 339 40.78 -32.00 -12.58
N ILE B 340 40.18 -30.81 -12.60
CA ILE B 340 40.72 -29.69 -11.84
C ILE B 340 40.50 -29.97 -10.36
N GLY B 341 39.32 -30.51 -10.05
CA GLY B 341 38.99 -30.99 -8.72
C GLY B 341 39.88 -32.15 -8.31
N GLU B 342 40.17 -33.03 -9.24
CA GLU B 342 41.00 -34.17 -8.92
C GLU B 342 42.40 -33.70 -8.48
N ALA B 343 42.92 -32.67 -9.14
CA ALA B 343 44.22 -32.09 -8.75
C ALA B 343 44.14 -31.50 -7.32
N ARG B 344 43.13 -30.69 -7.07
CA ARG B 344 42.93 -30.13 -5.73
C ARG B 344 42.88 -31.24 -4.66
N ALA B 345 42.15 -32.31 -4.97
CA ALA B 345 42.03 -33.41 -4.02
C ALA B 345 43.41 -34.02 -3.73
N CYS B 346 44.18 -34.29 -4.78
CA CYS B 346 45.48 -34.92 -4.62
C CYS B 346 46.38 -34.04 -3.78
N TRP B 347 46.44 -32.76 -4.14
CA TRP B 347 47.19 -31.77 -3.39
C TRP B 347 46.85 -31.89 -1.89
N SER B 348 45.57 -31.74 -1.58
CA SER B 348 45.10 -31.79 -0.18
C SER B 348 45.46 -33.13 0.47
N LEU B 349 45.18 -34.22 -0.23
CA LEU B 349 45.39 -35.56 0.33
C LEU B 349 46.91 -35.82 0.60
N GLY B 350 47.77 -35.29 -0.26
CA GLY B 350 49.19 -35.35 0.00
C GLY B 350 49.50 -34.73 1.36
N ASN B 351 49.05 -33.49 1.56
CA ASN B 351 49.29 -32.84 2.83
C ASN B 351 48.68 -33.60 4.00
N ALA B 352 47.41 -33.98 3.87
CA ALA B 352 46.73 -34.67 4.94
C ALA B 352 47.53 -35.93 5.34
N HIS B 353 47.92 -36.72 4.36
CA HIS B 353 48.74 -37.90 4.69
C HIS B 353 50.08 -37.62 5.38
N SER B 354 50.85 -36.65 4.90
CA SER B 354 52.10 -36.30 5.57
C SER B 354 51.81 -35.96 7.02
N ALA B 355 50.76 -35.16 7.20
CA ALA B 355 50.41 -34.64 8.51
C ALA B 355 50.31 -35.75 9.52
N ILE B 356 49.93 -36.94 9.04
CA ILE B 356 49.79 -38.08 9.90
C ILE B 356 50.96 -39.06 9.70
N GLY B 357 52.01 -38.61 9.00
CA GLY B 357 53.19 -39.42 8.82
C GLY B 357 53.01 -40.46 7.76
N GLY B 358 51.85 -40.44 7.10
CA GLY B 358 51.67 -41.31 5.95
C GLY B 358 52.53 -40.89 4.76
N HIS B 359 53.87 -40.92 4.93
CA HIS B 359 54.71 -40.19 3.97
C HIS B 359 54.76 -40.77 2.59
N GLU B 360 54.64 -42.08 2.50
CA GLU B 360 54.80 -42.74 1.22
C GLU B 360 53.55 -42.54 0.39
N ARG B 361 52.41 -42.77 1.03
CA ARG B 361 51.11 -42.49 0.44
C ARG B 361 51.05 -41.03 -0.03
N ALA B 362 51.52 -40.14 0.84
CA ALA B 362 51.56 -38.72 0.53
C ALA B 362 52.32 -38.47 -0.79
N LEU B 363 53.42 -39.22 -0.98
CA LEU B 363 54.26 -39.04 -2.15
C LEU B 363 53.44 -39.35 -3.39
N LYS B 364 52.61 -40.37 -3.30
CA LYS B 364 51.85 -40.80 -4.46
C LYS B 364 50.83 -39.75 -4.89
N TYR B 365 50.25 -39.06 -3.92
CA TYR B 365 49.28 -38.05 -4.27
C TYR B 365 50.00 -36.86 -4.90
N ALA B 366 51.18 -36.58 -4.37
CA ALA B 366 51.97 -35.46 -4.86
C ALA B 366 52.36 -35.67 -6.32
N GLU B 367 52.71 -36.91 -6.66
CA GLU B 367 53.07 -37.28 -8.03
C GLU B 367 51.83 -37.22 -8.95
N GLN B 368 50.72 -37.74 -8.42
CA GLN B 368 49.45 -37.64 -9.09
C GLN B 368 49.13 -36.14 -9.34
N HIS B 369 49.36 -35.31 -8.34
CA HIS B 369 49.08 -33.88 -8.48
C HIS B 369 49.95 -33.28 -9.61
N LEU B 370 51.23 -33.64 -9.62
CA LEU B 370 52.14 -33.19 -10.66
C LEU B 370 51.63 -33.49 -12.06
N GLN B 371 51.42 -34.77 -12.35
CA GLN B 371 50.80 -35.15 -13.61
C GLN B 371 49.61 -34.25 -13.96
N LEU B 372 48.62 -34.24 -13.08
CA LEU B 372 47.38 -33.51 -13.34
C LEU B 372 47.68 -32.05 -13.65
N ALA B 373 48.46 -31.43 -12.77
CA ALA B 373 48.90 -30.05 -12.95
C ALA B 373 49.70 -29.87 -14.26
N UNK B 374 52.13 -27.13 -10.96
CA UNK B 374 53.36 -27.89 -11.23
C UNK B 374 54.45 -27.52 -10.23
N UNK B 375 54.71 -26.22 -10.12
CA UNK B 375 55.71 -25.72 -9.20
C UNK B 375 55.49 -26.31 -7.81
N UNK B 376 54.24 -26.21 -7.32
CA UNK B 376 53.92 -26.59 -5.93
C UNK B 376 54.09 -28.11 -5.70
N UNK B 377 53.53 -28.92 -6.57
CA UNK B 377 53.73 -30.35 -6.41
C UNK B 377 55.24 -30.74 -6.47
N UNK B 378 55.99 -30.22 -7.45
CA UNK B 378 57.42 -30.58 -7.51
C UNK B 378 58.07 -30.36 -6.15
N UNK B 379 57.69 -29.27 -5.47
CA UNK B 379 58.29 -28.95 -4.18
C UNK B 379 57.86 -29.99 -3.14
N UNK B 380 56.59 -30.36 -3.16
CA UNK B 380 56.10 -31.34 -2.19
C UNK B 380 56.65 -32.74 -2.51
N UNK B 381 56.80 -33.05 -3.79
CA UNK B 381 57.38 -34.31 -4.18
C UNK B 381 58.88 -34.37 -3.78
N UNK B 382 59.59 -33.27 -3.93
CA UNK B 382 60.99 -33.22 -3.48
C UNK B 382 61.07 -33.26 -1.96
N UNK B 383 60.17 -32.58 -1.26
CA UNK B 383 60.29 -32.48 0.19
C UNK B 383 60.03 -33.83 0.86
N UNK B 384 59.31 -34.71 0.17
CA UNK B 384 58.99 -36.00 0.77
C UNK B 384 60.04 -37.05 0.45
N UNK B 385 61.08 -36.67 -0.27
CA UNK B 385 62.18 -37.59 -0.56
C UNK B 385 63.41 -37.29 0.29
N HIS C 6 -47.31 37.42 17.91
CA HIS C 6 -45.99 37.61 18.50
C HIS C 6 -44.95 37.15 17.51
N PRO C 7 -44.87 35.83 17.31
CA PRO C 7 -43.74 35.19 16.62
C PRO C 7 -43.53 35.80 15.24
N GLU C 8 -42.28 35.90 14.86
CA GLU C 8 -41.92 36.69 13.73
C GLU C 8 -41.05 35.80 12.79
N PRO C 9 -41.39 35.71 11.48
CA PRO C 9 -40.72 34.69 10.63
C PRO C 9 -39.18 34.89 10.55
N VAL C 10 -38.77 36.13 10.51
CA VAL C 10 -37.34 36.43 10.41
C VAL C 10 -36.59 35.99 11.66
N ALA C 11 -37.15 36.22 12.83
CA ALA C 11 -36.45 35.90 14.07
C ALA C 11 -36.40 34.41 14.21
N SER C 12 -37.53 33.79 13.86
CA SER C 12 -37.66 32.36 13.76
C SER C 12 -36.63 31.71 12.79
N TRP C 13 -36.47 32.26 11.60
CA TRP C 13 -35.44 31.75 10.72
C TRP C 13 -34.04 31.92 11.38
N MET C 14 -33.75 33.13 11.91
CA MET C 14 -32.41 33.41 12.40
C MET C 14 -32.06 32.48 13.58
N SER C 15 -33.05 32.26 14.43
CA SER C 15 -32.90 31.34 15.52
C SER C 15 -32.57 29.92 14.99
N GLU C 16 -33.27 29.42 13.97
CA GLU C 16 -32.95 28.11 13.41
C GLU C 16 -31.50 28.15 12.87
N GLN C 17 -31.02 29.28 12.36
CA GLN C 17 -29.67 29.28 11.79
C GLN C 17 -28.57 29.23 12.85
N ARG C 18 -28.95 29.44 14.08
CA ARG C 18 -27.94 29.52 15.16
C ARG C 18 -27.16 28.19 15.35
N TRP C 19 -27.89 27.09 15.17
CA TRP C 19 -27.32 25.76 15.37
C TRP C 19 -27.10 25.02 14.04
N ALA C 20 -27.11 25.76 12.93
CA ALA C 20 -26.91 25.21 11.60
C ALA C 20 -25.43 25.17 11.20
N GLY C 21 -25.11 24.48 10.12
CA GLY C 21 -23.73 24.42 9.64
C GLY C 21 -23.59 23.23 8.71
N GLU C 22 -23.03 23.43 7.52
CA GLU C 22 -22.79 22.32 6.59
C GLU C 22 -21.47 21.69 6.98
N PRO C 23 -21.55 20.45 7.44
CA PRO C 23 -20.40 19.74 7.98
C PRO C 23 -19.58 19.20 6.83
N GLU C 24 -18.30 18.95 7.08
CA GLU C 24 -17.52 18.20 6.10
C GLU C 24 -18.11 16.82 6.02
N VAL C 25 -18.06 16.23 4.82
CA VAL C 25 -18.85 15.04 4.49
C VAL C 25 -18.00 13.78 4.22
N MET C 26 -16.68 13.93 4.14
CA MET C 26 -15.82 12.78 3.88
C MET C 26 -16.01 11.71 4.96
N CYS C 27 -16.19 10.46 4.55
CA CYS C 27 -16.35 9.31 5.46
C CYS C 27 -14.97 9.02 5.99
N THR C 28 -14.85 8.73 7.30
CA THR C 28 -13.56 8.46 7.90
C THR C 28 -13.38 6.99 8.31
N LEU C 29 -14.30 6.10 7.88
CA LEU C 29 -14.16 4.68 8.13
C LEU C 29 -12.95 4.13 7.38
N GLN C 30 -12.25 3.19 7.97
CA GLN C 30 -11.08 2.68 7.27
C GLN C 30 -11.37 1.29 6.72
N HIS C 31 -10.87 1.03 5.53
CA HIS C 31 -11.16 -0.24 4.84
C HIS C 31 -9.97 -1.19 5.04
N LYS C 32 -10.24 -2.42 5.44
CA LYS C 32 -9.22 -3.49 5.43
C LYS C 32 -9.38 -4.32 4.20
N SER C 33 -8.42 -4.29 3.31
CA SER C 33 -8.62 -4.93 2.03
C SER C 33 -8.54 -6.44 2.25
N ILE C 34 -9.42 -7.20 1.58
CA ILE C 34 -9.43 -8.67 1.71
C ILE C 34 -8.12 -9.21 1.17
N ALA C 35 -7.64 -8.61 0.09
CA ALA C 35 -6.43 -9.09 -0.57
C ALA C 35 -5.22 -9.06 0.38
N PRO D 7 52.81 -22.33 -1.18
CA PRO D 7 51.32 -22.33 -1.26
C PRO D 7 50.71 -23.52 -0.50
N GLU D 8 49.56 -23.28 0.10
CA GLU D 8 49.05 -24.19 1.10
C GLU D 8 47.56 -24.49 0.77
N PRO D 9 47.20 -25.77 0.64
CA PRO D 9 45.84 -26.10 0.13
C PRO D 9 44.68 -25.50 0.94
N VAL D 10 44.83 -25.51 2.26
CA VAL D 10 43.83 -24.89 3.12
C VAL D 10 43.65 -23.35 2.90
N ALA D 11 44.77 -22.60 2.75
CA ALA D 11 44.70 -21.16 2.55
C ALA D 11 44.12 -20.87 1.19
N SER D 12 44.57 -21.65 0.22
CA SER D 12 44.02 -21.63 -1.13
C SER D 12 42.51 -21.89 -1.18
N TRP D 13 42.04 -22.92 -0.46
CA TRP D 13 40.58 -23.20 -0.33
C TRP D 13 39.85 -22.02 0.30
N MET D 14 40.36 -21.55 1.44
CA MET D 14 39.67 -20.48 2.14
C MET D 14 39.63 -19.20 1.31
N SER D 15 40.74 -18.90 0.67
CA SER D 15 40.76 -17.76 -0.24
C SER D 15 39.67 -17.88 -1.36
N GLU D 16 39.57 -19.05 -2.01
CA GLU D 16 38.50 -19.25 -2.98
C GLU D 16 37.12 -19.03 -2.36
N GLN D 17 36.97 -19.32 -1.07
CA GLN D 17 35.65 -19.20 -0.43
C GLN D 17 35.21 -17.75 -0.15
N ARG D 18 36.19 -16.86 -0.21
CA ARG D 18 35.95 -15.50 0.20
C ARG D 18 34.89 -14.83 -0.69
N TRP D 19 34.88 -15.20 -1.96
CA TRP D 19 34.05 -14.53 -2.95
C TRP D 19 32.98 -15.54 -3.45
N ALA D 20 32.74 -16.59 -2.68
CA ALA D 20 31.72 -17.58 -2.98
C ALA D 20 30.34 -17.21 -2.36
N GLY D 21 29.29 -17.93 -2.74
CA GLY D 21 27.97 -17.74 -2.16
C GLY D 21 26.93 -18.28 -3.11
N GLU D 22 25.99 -19.08 -2.60
CA GLU D 22 24.92 -19.65 -3.42
C GLU D 22 23.83 -18.57 -3.51
N PRO D 23 23.62 -18.07 -4.70
CA PRO D 23 22.71 -16.95 -4.90
C PRO D 23 21.28 -17.50 -4.98
N GLU D 24 20.31 -16.67 -4.67
CA GLU D 24 18.91 -17.02 -4.95
C GLU D 24 18.78 -17.23 -6.44
N VAL D 25 17.88 -18.13 -6.86
CA VAL D 25 17.90 -18.69 -8.22
C VAL D 25 16.62 -18.38 -9.00
N MET D 26 15.62 -17.79 -8.33
CA MET D 26 14.38 -17.46 -8.99
C MET D 26 14.60 -16.50 -10.17
N CYS D 27 14.04 -16.85 -11.33
CA CYS D 27 14.13 -15.99 -12.51
C CYS D 27 13.19 -14.82 -12.28
N THR D 28 13.65 -13.59 -12.59
CA THR D 28 12.81 -12.44 -12.38
C THR D 28 12.26 -11.89 -13.71
N LEU D 29 12.46 -12.62 -14.80
CA LEU D 29 11.85 -12.15 -16.07
C LEU D 29 10.32 -12.21 -15.99
N GLN D 30 9.65 -11.26 -16.60
CA GLN D 30 8.20 -11.22 -16.56
C GLN D 30 7.60 -11.59 -17.87
N HIS D 31 6.50 -12.32 -17.80
CA HIS D 31 5.93 -12.96 -18.97
C HIS D 31 4.68 -12.17 -19.36
N LYS D 32 4.56 -11.80 -20.63
CA LYS D 32 3.34 -11.18 -21.15
C LYS D 32 2.56 -12.24 -21.91
N SER D 33 1.43 -12.60 -21.37
CA SER D 33 0.68 -13.68 -21.98
C SER D 33 0.11 -13.24 -23.32
N ILE D 34 0.19 -14.12 -24.32
CA ILE D 34 -0.35 -13.86 -25.65
C ILE D 34 -1.87 -13.67 -25.58
#